data_9C5O
#
_entry.id   9C5O
#
_cell.length_a   118.290
_cell.length_b   80.900
_cell.length_c   121.740
_cell.angle_alpha   90.000
_cell.angle_beta   107.500
_cell.angle_gamma   90.000
#
_symmetry.space_group_name_H-M   'C 1 2 1'
#
loop_
_entity.id
_entity.type
_entity.pdbx_description
1 polymer 'Hydroxybutyrate dehydrogenase'
2 non-polymer 1,2-ETHANEDIOL
3 water water
#
_entity_poly.entity_id   1
_entity_poly.type   'polypeptide(L)'
_entity_poly.pdbx_seq_one_letter_code
;GPHMMSGEKRVLSGRVAVVTGSRKGIGLGIAMRLAMAGADVVLNGFRQSPEDSAIVEKVAAYGTRVRCFAANMKDRAQVE
ALIKFTEKELGAVEILVNNAGIQHVSPVETFPSDKWDEIIALNLTSAFHATQLCLPSMRQRGWGRIINIASVQGLVGSMN
KSAYCAAKHGLIGFTKVVALETATTGITCNAICPGYVYTPLVEEQIKAVAEAKYGGDMEAATQAFLCEKQPAKAFVTVEQ
VGDAAVFLASPGADMIRGTTITVDGGWVAQ
;
_entity_poly.pdbx_strand_id   A,B,C,D
#
# COMPACT_ATOMS: atom_id res chain seq x y z
N GLU A 8 -38.66 -6.99 3.52
CA GLU A 8 -38.76 -5.96 2.49
C GLU A 8 -37.92 -4.73 2.87
N LYS A 9 -37.77 -4.48 4.17
CA LYS A 9 -37.06 -3.31 4.66
C LYS A 9 -35.59 -3.57 4.95
N ARG A 10 -35.10 -4.77 4.66
CA ARG A 10 -33.68 -5.10 4.85
C ARG A 10 -32.86 -4.62 3.67
N VAL A 11 -31.60 -4.27 3.92
CA VAL A 11 -30.88 -3.41 3.00
C VAL A 11 -30.64 -4.07 1.64
N LEU A 12 -30.61 -5.41 1.58
CA LEU A 12 -30.37 -6.12 0.32
C LEU A 12 -31.62 -6.84 -0.16
N SER A 13 -32.79 -6.49 0.36
CA SER A 13 -34.02 -7.20 0.00
C SER A 13 -34.18 -7.26 -1.50
N GLY A 14 -34.39 -8.48 -2.00
CA GLY A 14 -34.65 -8.68 -3.40
C GLY A 14 -33.42 -8.92 -4.26
N ARG A 15 -32.22 -8.63 -3.76
CA ARG A 15 -31.01 -8.83 -4.55
C ARG A 15 -30.72 -10.31 -4.60
N VAL A 16 -30.23 -10.78 -5.76
CA VAL A 16 -29.82 -12.15 -5.95
C VAL A 16 -28.30 -12.24 -5.87
N ALA A 17 -27.81 -13.09 -4.96
CA ALA A 17 -26.39 -13.26 -4.72
C ALA A 17 -25.98 -14.71 -4.98
N VAL A 18 -24.80 -14.85 -5.57
CA VAL A 18 -24.12 -16.12 -5.76
C VAL A 18 -22.85 -16.04 -4.92
N VAL A 19 -22.65 -17.02 -4.04
CA VAL A 19 -21.42 -17.11 -3.24
C VAL A 19 -20.74 -18.42 -3.60
N THR A 20 -19.58 -18.33 -4.22
CA THR A 20 -18.85 -19.55 -4.54
C THR A 20 -18.17 -20.12 -3.29
N GLY A 21 -17.99 -21.44 -3.26
CA GLY A 21 -17.34 -22.06 -2.12
C GLY A 21 -18.01 -21.75 -0.79
N SER A 22 -19.34 -21.87 -0.71
CA SER A 22 -20.10 -21.31 0.40
C SER A 22 -20.81 -22.35 1.27
N ARG A 23 -20.43 -23.61 1.19
CA ARG A 23 -21.05 -24.59 2.05
C ARG A 23 -20.40 -24.70 3.42
N LYS A 24 -19.29 -24.00 3.65
CA LYS A 24 -18.60 -24.06 4.92
C LYS A 24 -17.81 -22.77 5.08
N GLY A 25 -17.39 -22.52 6.33
CA GLY A 25 -16.40 -21.50 6.62
C GLY A 25 -16.82 -20.10 6.24
N ILE A 26 -15.86 -19.35 5.71
CA ILE A 26 -16.10 -17.94 5.41
C ILE A 26 -17.24 -17.79 4.41
N GLY A 27 -17.27 -18.63 3.37
CA GLY A 27 -18.31 -18.49 2.37
C GLY A 27 -19.69 -18.70 2.93
N LEU A 28 -19.84 -19.68 3.83
CA LEU A 28 -21.12 -19.90 4.48
C LEU A 28 -21.48 -18.71 5.37
N GLY A 29 -20.52 -18.17 6.12
CA GLY A 29 -20.78 -16.98 6.92
C GLY A 29 -21.24 -15.80 6.08
N ILE A 30 -20.61 -15.61 4.93
CA ILE A 30 -21.04 -14.54 4.03
C ILE A 30 -22.46 -14.79 3.52
N ALA A 31 -22.74 -16.02 3.07
CA ALA A 31 -24.10 -16.32 2.59
C ALA A 31 -25.14 -16.05 3.68
N MET A 32 -24.84 -16.45 4.91
CA MET A 32 -25.80 -16.25 5.99
CA MET A 32 -25.78 -16.24 6.01
C MET A 32 -26.03 -14.77 6.25
N ARG A 33 -24.96 -13.96 6.30
CA ARG A 33 -25.15 -12.54 6.56
C ARG A 33 -25.87 -11.85 5.39
N LEU A 34 -25.56 -12.22 4.15
CA LEU A 34 -26.29 -11.65 3.03
C LEU A 34 -27.78 -11.96 3.12
N ALA A 35 -28.12 -13.22 3.42
CA ALA A 35 -29.52 -13.60 3.59
C ALA A 35 -30.16 -12.84 4.74
N MET A 36 -29.45 -12.71 5.85
CA MET A 36 -29.97 -11.92 6.97
C MET A 36 -30.29 -10.49 6.53
N ALA A 37 -29.53 -9.96 5.59
CA ALA A 37 -29.71 -8.61 5.06
C ALA A 37 -30.75 -8.55 3.97
N GLY A 38 -31.40 -9.68 3.66
CA GLY A 38 -32.50 -9.71 2.71
C GLY A 38 -32.21 -10.27 1.33
N ALA A 39 -30.99 -10.69 1.05
CA ALA A 39 -30.65 -11.20 -0.27
C ALA A 39 -31.10 -12.64 -0.43
N ASP A 40 -31.57 -12.97 -1.63
CA ASP A 40 -31.66 -14.36 -2.07
C ASP A 40 -30.26 -14.87 -2.37
N VAL A 41 -29.99 -16.15 -2.09
CA VAL A 41 -28.61 -16.63 -2.14
C VAL A 41 -28.52 -17.98 -2.82
N VAL A 42 -27.56 -18.12 -3.73
CA VAL A 42 -27.17 -19.42 -4.28
C VAL A 42 -25.86 -19.85 -3.64
N LEU A 43 -25.89 -21.02 -3.01
CA LEU A 43 -24.73 -21.68 -2.43
C LEU A 43 -24.06 -22.55 -3.49
N ASN A 44 -22.78 -22.82 -3.27
CA ASN A 44 -22.02 -23.58 -4.24
C ASN A 44 -20.87 -24.32 -3.56
N GLY A 45 -20.63 -25.52 -4.04
CA GLY A 45 -19.50 -26.33 -3.63
C GLY A 45 -19.06 -27.22 -4.78
N PHE A 46 -17.95 -27.93 -4.57
CA PHE A 46 -17.36 -28.72 -5.66
C PHE A 46 -18.31 -29.83 -6.10
N ARG A 47 -18.80 -30.63 -5.16
CA ARG A 47 -19.60 -31.80 -5.48
C ARG A 47 -20.78 -31.88 -4.51
N GLN A 48 -21.84 -32.55 -4.96
CA GLN A 48 -23.01 -32.73 -4.13
C GLN A 48 -22.63 -33.48 -2.86
N SER A 49 -23.22 -33.05 -1.73
CA SER A 49 -22.92 -33.61 -0.43
C SER A 49 -24.21 -33.95 0.30
N PRO A 50 -24.21 -35.01 1.11
CA PRO A 50 -25.42 -35.33 1.89
C PRO A 50 -25.80 -34.22 2.87
N GLU A 51 -24.88 -33.35 3.24
CA GLU A 51 -25.14 -32.27 4.19
C GLU A 51 -25.73 -31.03 3.52
N ASP A 52 -25.92 -31.05 2.20
CA ASP A 52 -26.32 -29.84 1.49
C ASP A 52 -27.65 -29.29 2.01
N SER A 53 -28.64 -30.17 2.23
CA SER A 53 -29.97 -29.69 2.60
C SER A 53 -29.95 -28.97 3.94
N ALA A 54 -29.16 -29.46 4.90
CA ALA A 54 -29.06 -28.79 6.21
C ALA A 54 -28.42 -27.40 6.10
N ILE A 55 -27.44 -27.25 5.21
CA ILE A 55 -26.85 -25.94 5.01
C ILE A 55 -27.83 -24.98 4.33
N VAL A 56 -28.56 -25.48 3.33
CA VAL A 56 -29.62 -24.66 2.76
C VAL A 56 -30.58 -24.21 3.84
N GLU A 57 -30.97 -25.13 4.73
CA GLU A 57 -31.87 -24.75 5.83
C GLU A 57 -31.25 -23.64 6.70
N LYS A 58 -29.97 -23.78 7.03
CA LYS A 58 -29.29 -22.75 7.82
C LYS A 58 -29.45 -21.37 7.16
N VAL A 59 -29.16 -21.29 5.86
CA VAL A 59 -29.21 -20.00 5.17
C VAL A 59 -30.65 -19.51 4.99
N ALA A 60 -31.59 -20.43 4.80
CA ALA A 60 -32.99 -20.08 4.58
C ALA A 60 -33.69 -19.64 5.85
N ALA A 61 -33.02 -19.77 7.02
CA ALA A 61 -33.68 -19.35 8.26
C ALA A 61 -34.05 -17.86 8.26
N TYR A 62 -33.50 -17.06 7.36
CA TYR A 62 -33.75 -15.63 7.33
C TYR A 62 -34.86 -15.23 6.37
N GLY A 63 -35.58 -16.20 5.81
CA GLY A 63 -36.79 -15.90 5.07
C GLY A 63 -36.63 -15.49 3.62
N THR A 64 -35.46 -15.70 3.03
CA THR A 64 -35.23 -15.37 1.63
C THR A 64 -35.17 -16.66 0.82
N ARG A 65 -35.04 -16.52 -0.50
CA ARG A 65 -34.93 -17.71 -1.34
C ARG A 65 -33.49 -18.19 -1.38
N VAL A 66 -33.31 -19.53 -1.33
CA VAL A 66 -31.98 -20.12 -1.28
C VAL A 66 -31.93 -21.27 -2.27
N ARG A 67 -30.82 -21.40 -2.98
CA ARG A 67 -30.60 -22.58 -3.82
C ARG A 67 -29.18 -23.07 -3.56
N CYS A 68 -28.87 -24.28 -4.05
CA CYS A 68 -27.52 -24.82 -3.96
C CYS A 68 -27.17 -25.47 -5.29
N PHE A 69 -25.96 -25.19 -5.80
CA PHE A 69 -25.54 -25.73 -7.08
C PHE A 69 -24.10 -26.22 -6.98
N ALA A 70 -23.88 -27.45 -7.38
CA ALA A 70 -22.56 -28.07 -7.35
C ALA A 70 -21.86 -27.80 -8.66
N ALA A 71 -20.65 -27.26 -8.59
CA ALA A 71 -19.94 -26.89 -9.80
C ALA A 71 -18.46 -26.84 -9.50
N ASN A 72 -17.68 -27.45 -10.38
CA ASN A 72 -16.22 -27.35 -10.35
C ASN A 72 -15.83 -25.98 -10.87
N MET A 73 -15.45 -25.08 -9.96
CA MET A 73 -15.18 -23.70 -10.35
C MET A 73 -13.92 -23.57 -11.21
N LYS A 74 -13.12 -24.64 -11.36
CA LYS A 74 -12.01 -24.61 -12.30
C LYS A 74 -12.46 -24.86 -13.74
N ASP A 75 -13.69 -25.35 -13.94
CA ASP A 75 -14.22 -25.65 -15.26
C ASP A 75 -15.09 -24.48 -15.67
N ARG A 76 -14.64 -23.73 -16.69
CA ARG A 76 -15.37 -22.54 -17.09
C ARG A 76 -16.81 -22.87 -17.47
N ALA A 77 -17.04 -24.03 -18.09
CA ALA A 77 -18.39 -24.41 -18.47
C ALA A 77 -19.28 -24.61 -17.25
N GLN A 78 -18.73 -25.16 -16.16
CA GLN A 78 -19.53 -25.34 -14.95
C GLN A 78 -19.76 -24.01 -14.22
N VAL A 79 -18.81 -23.08 -14.31
CA VAL A 79 -19.09 -21.73 -13.80
C VAL A 79 -20.26 -21.12 -14.55
N GLU A 80 -20.24 -21.26 -15.88
CA GLU A 80 -21.33 -20.72 -16.68
C GLU A 80 -22.64 -21.41 -16.34
N ALA A 81 -22.60 -22.72 -16.09
CA ALA A 81 -23.81 -23.42 -15.69
C ALA A 81 -24.30 -22.94 -14.33
N LEU A 82 -23.39 -22.59 -13.42
CA LEU A 82 -23.84 -22.02 -12.15
C LEU A 82 -24.60 -20.73 -12.37
N ILE A 83 -24.05 -19.85 -13.22
CA ILE A 83 -24.70 -18.57 -13.49
C ILE A 83 -26.06 -18.79 -14.18
N LYS A 84 -26.11 -19.70 -15.16
CA LYS A 84 -27.34 -19.95 -15.89
C LYS A 84 -28.39 -20.56 -14.98
N PHE A 85 -27.97 -21.46 -14.09
CA PHE A 85 -28.88 -22.02 -13.09
C PHE A 85 -29.48 -20.92 -12.23
N THR A 86 -28.64 -19.97 -11.79
CA THR A 86 -29.16 -18.91 -10.95
C THR A 86 -30.18 -18.06 -11.71
N GLU A 87 -29.86 -17.71 -12.95
CA GLU A 87 -30.78 -16.93 -13.77
C GLU A 87 -32.11 -17.65 -13.91
N LYS A 88 -32.06 -18.97 -14.12
CA LYS A 88 -33.28 -19.75 -14.25
C LYS A 88 -34.09 -19.79 -12.96
N GLU A 89 -33.42 -20.01 -11.83
CA GLU A 89 -34.12 -20.29 -10.58
C GLU A 89 -34.56 -19.02 -9.86
N LEU A 90 -33.68 -18.03 -9.76
CA LEU A 90 -33.91 -16.83 -8.97
C LEU A 90 -33.93 -15.54 -9.76
N GLY A 91 -33.16 -15.45 -10.84
CA GLY A 91 -33.10 -14.27 -11.66
C GLY A 91 -31.67 -13.84 -11.83
N ALA A 92 -31.51 -12.64 -12.41
CA ALA A 92 -30.20 -12.13 -12.76
C ALA A 92 -29.28 -12.06 -11.54
N VAL A 93 -28.03 -12.47 -11.73
CA VAL A 93 -27.04 -12.40 -10.65
C VAL A 93 -26.68 -10.94 -10.44
N GLU A 94 -26.97 -10.42 -9.25
CA GLU A 94 -26.71 -9.03 -8.92
C GLU A 94 -25.52 -8.85 -8.00
N ILE A 95 -25.28 -9.81 -7.10
CA ILE A 95 -24.12 -9.82 -6.20
C ILE A 95 -23.35 -11.11 -6.47
N LEU A 96 -22.08 -10.99 -6.84
CA LEU A 96 -21.21 -12.14 -7.04
C LEU A 96 -20.12 -12.08 -5.99
N VAL A 97 -20.06 -13.08 -5.13
CA VAL A 97 -18.99 -13.19 -4.15
C VAL A 97 -18.08 -14.34 -4.60
N ASN A 98 -16.86 -13.98 -5.01
CA ASN A 98 -15.84 -14.93 -5.40
C ASN A 98 -15.07 -15.34 -4.16
N ASN A 99 -15.32 -16.56 -3.69
CA ASN A 99 -14.74 -17.06 -2.46
C ASN A 99 -14.17 -18.46 -2.72
N ALA A 100 -12.90 -18.69 -2.40
CA ALA A 100 -12.34 -19.95 -2.91
C ALA A 100 -11.35 -20.62 -1.98
N GLY A 101 -11.55 -20.56 -0.68
CA GLY A 101 -10.47 -20.96 0.19
C GLY A 101 -9.98 -22.38 -0.11
N ILE A 102 -8.84 -22.45 -0.80
CA ILE A 102 -8.00 -23.63 -0.92
C ILE A 102 -6.59 -23.20 -0.54
N GLN A 103 -5.94 -23.99 0.30
CA GLN A 103 -4.65 -23.63 0.88
C GLN A 103 -3.73 -24.84 0.84
N HIS A 104 -2.43 -24.58 0.71
CA HIS A 104 -1.44 -25.62 0.87
C HIS A 104 -0.15 -25.00 1.39
N VAL A 105 0.36 -25.51 2.50
CA VAL A 105 1.50 -24.92 3.20
C VAL A 105 2.74 -25.77 2.94
N SER A 106 3.75 -25.13 2.34
CA SER A 106 5.01 -25.77 2.00
C SER A 106 6.04 -24.70 1.72
N PRO A 107 7.32 -24.96 2.02
CA PRO A 107 8.38 -24.09 1.49
C PRO A 107 8.38 -24.11 -0.02
N VAL A 108 8.91 -23.03 -0.61
CA VAL A 108 8.87 -22.88 -2.05
C VAL A 108 9.59 -24.03 -2.74
N GLU A 109 10.74 -24.46 -2.21
CA GLU A 109 11.56 -25.44 -2.94
C GLU A 109 10.83 -26.76 -3.15
N THR A 110 9.96 -27.16 -2.22
CA THR A 110 9.28 -28.44 -2.31
C THR A 110 7.80 -28.29 -2.64
N PHE A 111 7.36 -27.07 -2.97
CA PHE A 111 5.95 -26.81 -3.22
C PHE A 111 5.49 -27.62 -4.44
N PRO A 112 4.53 -28.52 -4.30
CA PRO A 112 4.15 -29.36 -5.44
C PRO A 112 3.56 -28.50 -6.56
N SER A 113 3.93 -28.81 -7.80
CA SER A 113 3.48 -28.02 -8.94
C SER A 113 1.96 -28.09 -9.10
N ASP A 114 1.36 -29.28 -8.90
CA ASP A 114 -0.09 -29.37 -9.09
C ASP A 114 -0.85 -28.56 -8.04
N LYS A 115 -0.32 -28.47 -6.82
CA LYS A 115 -0.97 -27.66 -5.78
C LYS A 115 -0.83 -26.17 -6.10
N TRP A 116 0.36 -25.75 -6.57
CA TRP A 116 0.51 -24.38 -7.06
C TRP A 116 -0.57 -24.09 -8.11
N ASP A 117 -0.66 -24.97 -9.11
CA ASP A 117 -1.59 -24.73 -10.21
C ASP A 117 -3.03 -24.65 -9.70
N GLU A 118 -3.40 -25.55 -8.80
CA GLU A 118 -4.75 -25.58 -8.26
C GLU A 118 -5.07 -24.30 -7.50
N ILE A 119 -4.13 -23.84 -6.66
CA ILE A 119 -4.40 -22.64 -5.89
C ILE A 119 -4.55 -21.45 -6.82
N ILE A 120 -3.72 -21.34 -7.86
CA ILE A 120 -3.85 -20.22 -8.79
C ILE A 120 -5.18 -20.31 -9.52
N ALA A 121 -5.52 -21.51 -9.98
CA ALA A 121 -6.73 -21.69 -10.78
C ALA A 121 -7.97 -21.32 -9.97
N LEU A 122 -8.06 -21.80 -8.74
CA LEU A 122 -9.27 -21.59 -7.96
C LEU A 122 -9.30 -20.23 -7.30
N ASN A 123 -8.19 -19.83 -6.66
CA ASN A 123 -8.19 -18.61 -5.88
C ASN A 123 -8.11 -17.36 -6.77
N LEU A 124 -7.71 -17.52 -8.04
CA LEU A 124 -7.62 -16.38 -8.96
C LEU A 124 -8.39 -16.53 -10.26
N THR A 125 -8.13 -17.58 -11.02
CA THR A 125 -8.66 -17.61 -12.38
C THR A 125 -10.16 -17.88 -12.41
N SER A 126 -10.66 -18.64 -11.42
CA SER A 126 -12.10 -18.87 -11.32
C SER A 126 -12.85 -17.57 -11.11
N ALA A 127 -12.29 -16.66 -10.30
CA ALA A 127 -12.92 -15.37 -10.08
C ALA A 127 -13.00 -14.57 -11.38
N PHE A 128 -11.93 -14.59 -12.17
CA PHE A 128 -11.96 -13.97 -13.49
C PHE A 128 -13.10 -14.53 -14.33
N HIS A 129 -13.21 -15.85 -14.41
CA HIS A 129 -14.24 -16.41 -15.27
C HIS A 129 -15.64 -16.02 -14.79
N ALA A 130 -15.88 -16.14 -13.49
CA ALA A 130 -17.21 -15.84 -12.98
C ALA A 130 -17.55 -14.36 -13.20
N THR A 131 -16.59 -13.48 -12.96
CA THR A 131 -16.82 -12.06 -13.18
C THR A 131 -17.12 -11.78 -14.64
N GLN A 132 -16.37 -12.41 -15.53
CA GLN A 132 -16.55 -12.21 -16.96
C GLN A 132 -17.96 -12.63 -17.36
N LEU A 133 -18.46 -13.71 -16.76
CA LEU A 133 -19.78 -14.21 -17.11
C LEU A 133 -20.91 -13.39 -16.51
N CYS A 134 -20.67 -12.72 -15.37
CA CYS A 134 -21.72 -11.94 -14.73
C CYS A 134 -21.77 -10.49 -15.18
N LEU A 135 -20.68 -9.94 -15.69
CA LEU A 135 -20.67 -8.50 -15.97
C LEU A 135 -21.70 -8.05 -17.00
N PRO A 136 -21.92 -8.76 -18.11
CA PRO A 136 -22.89 -8.24 -19.10
C PRO A 136 -24.27 -7.96 -18.52
N SER A 137 -24.82 -8.86 -17.71
CA SER A 137 -26.14 -8.64 -17.13
C SER A 137 -26.14 -7.44 -16.19
N MET A 138 -25.08 -7.33 -15.35
CA MET A 138 -25.01 -6.19 -14.43
C MET A 138 -24.89 -4.87 -15.20
N ARG A 139 -24.15 -4.85 -16.30
CA ARG A 139 -24.06 -3.63 -17.09
C ARG A 139 -25.42 -3.27 -17.70
N GLN A 140 -26.14 -4.28 -18.18
CA GLN A 140 -27.46 -4.07 -18.78
C GLN A 140 -28.43 -3.52 -17.75
N ARG A 141 -28.35 -3.99 -16.50
CA ARG A 141 -29.28 -3.55 -15.47
C ARG A 141 -28.82 -2.30 -14.75
N GLY A 142 -27.55 -1.91 -14.88
CA GLY A 142 -27.04 -0.71 -14.27
C GLY A 142 -26.73 -0.84 -12.80
N TRP A 143 -26.58 -2.06 -12.30
CA TRP A 143 -26.25 -2.29 -10.89
C TRP A 143 -25.50 -3.60 -10.74
N GLY A 144 -24.53 -3.62 -9.82
CA GLY A 144 -23.91 -4.87 -9.49
C GLY A 144 -22.93 -4.73 -8.36
N ARG A 145 -22.61 -5.87 -7.76
CA ARG A 145 -21.55 -5.94 -6.76
C ARG A 145 -20.71 -7.17 -7.07
N ILE A 146 -19.41 -7.00 -7.20
CA ILE A 146 -18.47 -8.11 -7.27
C ILE A 146 -17.60 -7.96 -6.03
N ILE A 147 -17.66 -8.95 -5.13
CA ILE A 147 -16.95 -8.92 -3.85
C ILE A 147 -15.97 -10.09 -3.85
N ASN A 148 -14.69 -9.78 -3.89
CA ASN A 148 -13.67 -10.81 -3.99
C ASN A 148 -13.11 -11.06 -2.59
N ILE A 149 -13.16 -12.32 -2.14
CA ILE A 149 -12.64 -12.68 -0.83
C ILE A 149 -11.16 -12.99 -1.02
N ALA A 150 -10.33 -12.01 -0.68
CA ALA A 150 -8.89 -12.08 -0.71
C ALA A 150 -8.48 -12.54 0.69
N SER A 151 -7.43 -11.91 1.20
CA SER A 151 -6.78 -12.29 2.45
C SER A 151 -5.79 -11.18 2.80
N VAL A 152 -5.40 -11.15 4.09
CA VAL A 152 -4.19 -10.42 4.45
C VAL A 152 -3.05 -10.87 3.56
N GLN A 153 -3.09 -12.14 3.14
CA GLN A 153 -2.00 -12.67 2.34
C GLN A 153 -2.02 -12.12 0.92
N GLY A 154 -3.01 -11.30 0.55
CA GLY A 154 -2.99 -10.53 -0.67
C GLY A 154 -2.37 -9.17 -0.54
N LEU A 155 -1.98 -8.78 0.69
CA LEU A 155 -1.33 -7.49 0.96
C LEU A 155 0.09 -7.63 1.48
N VAL A 156 0.40 -8.73 2.17
CA VAL A 156 1.72 -9.04 2.73
C VAL A 156 2.01 -10.50 2.45
N GLY A 157 3.25 -10.89 2.63
CA GLY A 157 3.62 -12.29 2.51
C GLY A 157 3.70 -13.01 3.85
N SER A 158 3.65 -14.33 3.76
CA SER A 158 3.91 -15.21 4.90
C SER A 158 4.72 -16.41 4.42
N MET A 159 5.59 -16.89 5.29
CA MET A 159 6.40 -18.08 4.98
C MET A 159 5.52 -19.28 4.65
N ASN A 160 5.95 -20.05 3.66
CA ASN A 160 5.39 -21.33 3.26
C ASN A 160 4.02 -21.19 2.62
N LYS A 161 3.65 -20.00 2.17
CA LYS A 161 2.37 -19.78 1.52
C LYS A 161 2.56 -19.05 0.20
N SER A 162 3.60 -19.43 -0.55
CA SER A 162 3.93 -18.73 -1.80
C SER A 162 2.76 -18.72 -2.77
N ALA A 163 2.17 -19.90 -3.02
CA ALA A 163 1.10 -19.96 -4.03
C ALA A 163 -0.10 -19.15 -3.60
N TYR A 164 -0.48 -19.27 -2.33
CA TYR A 164 -1.65 -18.56 -1.82
C TYR A 164 -1.42 -17.05 -1.80
N CYS A 165 -0.25 -16.60 -1.34
CA CYS A 165 0.05 -15.16 -1.36
C CYS A 165 0.03 -14.62 -2.78
N ALA A 166 0.59 -15.36 -3.73
CA ALA A 166 0.58 -14.91 -5.12
C ALA A 166 -0.85 -14.82 -5.64
N ALA A 167 -1.65 -15.84 -5.38
CA ALA A 167 -3.04 -15.87 -5.85
C ALA A 167 -3.87 -14.74 -5.26
N LYS A 168 -3.72 -14.51 -3.95
CA LYS A 168 -4.52 -13.49 -3.30
C LYS A 168 -4.04 -12.08 -3.68
N HIS A 169 -2.72 -11.84 -3.80
CA HIS A 169 -2.25 -10.58 -4.37
C HIS A 169 -2.85 -10.37 -5.75
N GLY A 170 -2.85 -11.44 -6.59
CA GLY A 170 -3.41 -11.32 -7.93
C GLY A 170 -4.87 -10.96 -7.90
N LEU A 171 -5.62 -11.54 -6.97
CA LEU A 171 -7.06 -11.28 -6.88
C LEU A 171 -7.31 -9.83 -6.52
N ILE A 172 -6.43 -9.24 -5.69
CA ILE A 172 -6.56 -7.82 -5.38
C ILE A 172 -6.25 -6.95 -6.60
N GLY A 173 -5.24 -7.33 -7.38
CA GLY A 173 -4.98 -6.61 -8.62
C GLY A 173 -6.16 -6.67 -9.58
N PHE A 174 -6.71 -7.88 -9.73
CA PHE A 174 -7.88 -8.08 -10.58
C PHE A 174 -9.02 -7.19 -10.12
N THR A 175 -9.24 -7.12 -8.80
CA THR A 175 -10.28 -6.28 -8.22
C THR A 175 -10.14 -4.83 -8.68
N LYS A 176 -8.93 -4.30 -8.62
CA LYS A 176 -8.72 -2.91 -9.03
C LYS A 176 -9.11 -2.70 -10.49
N VAL A 177 -8.70 -3.63 -11.36
CA VAL A 177 -8.97 -3.44 -12.79
C VAL A 177 -10.48 -3.48 -13.05
N VAL A 178 -11.17 -4.45 -12.46
CA VAL A 178 -12.61 -4.55 -12.67
C VAL A 178 -13.31 -3.29 -12.17
N ALA A 179 -12.92 -2.79 -11.00
CA ALA A 179 -13.52 -1.56 -10.48
C ALA A 179 -13.27 -0.37 -11.40
N LEU A 180 -12.08 -0.29 -11.97
CA LEU A 180 -11.78 0.85 -12.84
C LEU A 180 -12.59 0.77 -14.14
N GLU A 181 -12.76 -0.44 -14.68
CA GLU A 181 -13.52 -0.60 -15.93
C GLU A 181 -15.03 -0.39 -15.76
N THR A 182 -15.53 -0.42 -14.52
CA THR A 182 -16.93 -0.20 -14.19
C THR A 182 -17.15 1.09 -13.39
N ALA A 183 -16.12 1.95 -13.26
CA ALA A 183 -16.22 3.03 -12.29
C ALA A 183 -17.34 4.02 -12.57
N THR A 184 -17.74 4.20 -13.81
CA THR A 184 -18.82 5.15 -14.11
C THR A 184 -20.20 4.51 -14.13
N THR A 185 -20.32 3.26 -13.69
CA THR A 185 -21.56 2.54 -13.65
C THR A 185 -22.00 2.32 -12.20
N GLY A 186 -23.18 1.71 -12.05
CA GLY A 186 -23.68 1.26 -10.77
C GLY A 186 -23.09 -0.05 -10.30
N ILE A 187 -22.03 -0.53 -10.94
CA ILE A 187 -21.36 -1.77 -10.56
C ILE A 187 -20.10 -1.38 -9.81
N THR A 188 -19.89 -2.01 -8.65
CA THR A 188 -18.63 -1.86 -7.94
C THR A 188 -17.95 -3.22 -7.80
N CYS A 189 -16.62 -3.19 -7.65
CA CYS A 189 -15.83 -4.37 -7.35
C CYS A 189 -14.85 -3.99 -6.26
N ASN A 190 -14.80 -4.82 -5.20
CA ASN A 190 -13.95 -4.61 -4.05
C ASN A 190 -13.52 -5.97 -3.51
N ALA A 191 -12.52 -5.95 -2.63
CA ALA A 191 -12.02 -7.16 -1.98
C ALA A 191 -12.15 -7.05 -0.47
N ILE A 192 -12.40 -8.17 0.19
CA ILE A 192 -12.34 -8.26 1.64
C ILE A 192 -11.10 -9.06 1.96
N CYS A 193 -10.31 -8.61 2.95
CA CYS A 193 -9.03 -9.24 3.29
C CYS A 193 -9.06 -9.73 4.74
N PRO A 194 -9.52 -10.95 4.99
CA PRO A 194 -9.53 -11.46 6.36
C PRO A 194 -8.15 -11.87 6.83
N GLY A 195 -7.97 -11.75 8.14
CA GLY A 195 -6.83 -12.36 8.82
C GLY A 195 -7.12 -13.81 9.12
N TYR A 196 -6.72 -14.29 10.30
CA TYR A 196 -7.11 -15.62 10.72
C TYR A 196 -8.55 -15.61 11.20
N VAL A 197 -9.40 -16.41 10.55
CA VAL A 197 -10.82 -16.54 10.86
C VAL A 197 -11.06 -17.91 11.48
N TYR A 198 -11.94 -17.95 12.48
CA TYR A 198 -12.29 -19.19 13.16
C TYR A 198 -13.16 -20.08 12.25
N THR A 199 -12.56 -21.03 11.48
CA THR A 199 -13.27 -21.82 10.44
C THR A 199 -12.77 -23.30 10.45
N PRO A 200 -13.44 -24.30 9.87
CA PRO A 200 -12.92 -25.66 10.00
C PRO A 200 -11.55 -25.75 9.36
N LEU A 201 -11.28 -25.03 8.28
CA LEU A 201 -10.03 -25.10 7.53
C LEU A 201 -8.88 -24.54 8.33
N VAL A 202 -9.09 -23.38 8.96
CA VAL A 202 -8.03 -22.79 9.77
C VAL A 202 -7.71 -23.69 10.96
N GLU A 203 -8.74 -24.23 11.61
CA GLU A 203 -8.48 -25.17 12.70
C GLU A 203 -7.69 -26.38 12.20
N GLU A 204 -7.94 -26.84 10.97
CA GLU A 204 -7.14 -27.93 10.41
C GLU A 204 -5.66 -27.52 10.30
N GLN A 205 -5.42 -26.31 9.79
CA GLN A 205 -4.04 -25.82 9.69
C GLN A 205 -3.38 -25.72 11.06
N ILE A 206 -4.12 -25.22 12.06
CA ILE A 206 -3.56 -25.12 13.41
C ILE A 206 -3.27 -26.50 13.97
N LYS A 207 -4.15 -27.47 13.67
CA LYS A 207 -3.95 -28.84 14.17
C LYS A 207 -2.72 -29.46 13.54
N ALA A 208 -2.49 -29.21 12.26
CA ALA A 208 -1.27 -29.71 11.64
C ALA A 208 -0.04 -29.15 12.34
N VAL A 209 -0.05 -27.86 12.63
CA VAL A 209 1.10 -27.28 13.35
C VAL A 209 1.19 -27.86 14.76
N ALA A 210 0.05 -28.03 15.43
CA ALA A 210 0.04 -28.58 16.77
C ALA A 210 0.69 -29.96 16.81
N GLU A 211 0.34 -30.82 15.87
CA GLU A 211 0.93 -32.16 15.81
C GLU A 211 2.41 -32.09 15.49
N ALA A 212 2.80 -31.21 14.56
CA ALA A 212 4.20 -31.22 14.12
C ALA A 212 5.15 -30.56 15.11
N LYS A 213 4.70 -29.55 15.85
CA LYS A 213 5.59 -28.72 16.65
C LYS A 213 5.20 -28.57 18.10
N TYR A 214 3.94 -28.81 18.49
CA TYR A 214 3.51 -28.55 19.85
C TYR A 214 2.95 -29.79 20.54
N GLY A 215 3.33 -30.98 20.10
CA GLY A 215 2.94 -32.18 20.85
C GLY A 215 1.45 -32.43 20.89
N GLY A 216 0.72 -31.93 19.89
CA GLY A 216 -0.71 -32.08 19.87
C GLY A 216 -1.47 -31.05 20.68
N ASP A 217 -0.79 -30.08 21.27
CA ASP A 217 -1.41 -29.11 22.16
C ASP A 217 -2.06 -28.02 21.31
N MET A 218 -3.38 -28.10 21.14
CA MET A 218 -4.09 -27.14 20.30
C MET A 218 -4.07 -25.74 20.88
N GLU A 219 -4.23 -25.62 22.19
CA GLU A 219 -4.14 -24.32 22.86
C GLU A 219 -2.80 -23.63 22.59
N ALA A 220 -1.69 -24.35 22.77
CA ALA A 220 -0.38 -23.78 22.51
C ALA A 220 -0.22 -23.39 21.05
N ALA A 221 -0.64 -24.27 20.14
CA ALA A 221 -0.47 -23.97 18.73
C ALA A 221 -1.31 -22.75 18.34
N THR A 222 -2.52 -22.67 18.89
CA THR A 222 -3.41 -21.56 18.55
C THR A 222 -2.83 -20.25 19.05
N GLN A 223 -2.29 -20.27 20.28
CA GLN A 223 -1.68 -19.07 20.83
C GLN A 223 -0.51 -18.62 19.96
N ALA A 224 0.34 -19.56 19.55
CA ALA A 224 1.49 -19.20 18.73
C ALA A 224 1.06 -18.68 17.36
N PHE A 225 0.09 -19.36 16.74
CA PHE A 225 -0.48 -18.99 15.45
C PHE A 225 -0.97 -17.55 15.49
N LEU A 226 -1.77 -17.22 16.49
CA LEU A 226 -2.32 -15.87 16.61
C LEU A 226 -1.25 -14.86 17.01
N CYS A 227 -0.37 -15.19 17.97
CA CYS A 227 0.62 -14.25 18.42
C CYS A 227 1.58 -13.87 17.30
N GLU A 228 1.84 -14.79 16.37
CA GLU A 228 2.84 -14.49 15.34
C GLU A 228 2.33 -13.36 14.45
N LYS A 229 1.02 -13.33 14.20
CA LYS A 229 0.52 -12.52 13.10
C LYS A 229 -0.56 -11.51 13.44
N GLN A 230 -1.36 -11.77 14.47
CA GLN A 230 -2.63 -11.08 14.66
C GLN A 230 -2.66 -10.42 16.01
N PRO A 231 -2.39 -9.11 16.07
CA PRO A 231 -2.19 -8.46 17.37
C PRO A 231 -3.37 -8.54 18.31
N ALA A 232 -4.60 -8.66 17.80
CA ALA A 232 -5.74 -8.80 18.68
C ALA A 232 -5.70 -10.09 19.50
N LYS A 233 -4.88 -11.07 19.13
CA LYS A 233 -4.75 -12.34 19.88
C LYS A 233 -6.10 -13.04 20.03
N ALA A 234 -6.90 -12.91 18.98
CA ALA A 234 -8.23 -13.47 18.89
C ALA A 234 -8.52 -13.67 17.42
N PHE A 235 -9.47 -14.57 17.15
CA PHE A 235 -9.89 -14.81 15.78
C PHE A 235 -10.87 -13.76 15.28
N VAL A 236 -10.80 -13.49 13.99
CA VAL A 236 -11.93 -12.91 13.27
C VAL A 236 -12.99 -14.00 13.10
N THR A 237 -14.26 -13.60 13.01
CA THR A 237 -15.34 -14.57 12.90
C THR A 237 -15.93 -14.53 11.49
N VAL A 238 -16.53 -15.64 11.06
CA VAL A 238 -17.16 -15.64 9.74
C VAL A 238 -18.31 -14.63 9.70
N GLU A 239 -18.95 -14.38 10.84
CA GLU A 239 -20.00 -13.36 10.84
C GLU A 239 -19.44 -11.97 10.54
N GLN A 240 -18.26 -11.65 11.08
CA GLN A 240 -17.65 -10.36 10.78
C GLN A 240 -17.27 -10.24 9.31
N VAL A 241 -16.75 -11.32 8.71
CA VAL A 241 -16.45 -11.25 7.28
C VAL A 241 -17.74 -11.03 6.49
N GLY A 242 -18.80 -11.74 6.87
CA GLY A 242 -20.09 -11.52 6.23
C GLY A 242 -20.60 -10.10 6.40
N ASP A 243 -20.41 -9.53 7.59
CA ASP A 243 -20.81 -8.14 7.82
C ASP A 243 -20.11 -7.20 6.86
N ALA A 244 -18.81 -7.44 6.60
CA ALA A 244 -18.08 -6.61 5.63
C ALA A 244 -18.65 -6.78 4.22
N ALA A 245 -19.07 -7.99 3.86
CA ALA A 245 -19.70 -8.21 2.57
C ALA A 245 -21.04 -7.47 2.47
N VAL A 246 -21.83 -7.48 3.53
CA VAL A 246 -23.09 -6.75 3.52
C VAL A 246 -22.81 -5.24 3.38
N PHE A 247 -21.82 -4.73 4.10
CA PHE A 247 -21.47 -3.33 3.96
C PHE A 247 -21.11 -2.97 2.53
N LEU A 248 -20.25 -3.78 1.89
CA LEU A 248 -19.85 -3.47 0.51
C LEU A 248 -21.04 -3.58 -0.45
N ALA A 249 -21.99 -4.44 -0.14
CA ALA A 249 -23.15 -4.62 -1.01
C ALA A 249 -24.21 -3.53 -0.83
N SER A 250 -24.11 -2.68 0.20
CA SER A 250 -25.13 -1.74 0.61
CA SER A 250 -25.15 -1.74 0.60
C SER A 250 -25.03 -0.44 -0.17
N PRO A 251 -26.09 0.38 -0.15
CA PRO A 251 -26.07 1.64 -0.90
C PRO A 251 -25.01 2.60 -0.40
N GLY A 252 -24.65 2.52 0.88
CA GLY A 252 -23.62 3.41 1.38
C GLY A 252 -22.26 3.14 0.78
N ALA A 253 -22.10 2.02 0.07
CA ALA A 253 -20.86 1.66 -0.60
C ALA A 253 -20.90 1.88 -2.11
N ASP A 254 -21.88 2.65 -2.61
CA ASP A 254 -21.97 2.90 -4.05
C ASP A 254 -20.70 3.52 -4.64
N MET A 255 -19.96 4.29 -3.85
CA MET A 255 -18.72 4.92 -4.28
C MET A 255 -17.46 4.30 -3.68
N ILE A 256 -17.56 3.14 -3.03
CA ILE A 256 -16.40 2.35 -2.67
C ILE A 256 -16.04 1.47 -3.86
N ARG A 257 -14.87 1.67 -4.44
CA ARG A 257 -14.54 1.06 -5.73
C ARG A 257 -13.07 0.70 -5.74
N GLY A 258 -12.78 -0.57 -5.97
CA GLY A 258 -11.43 -1.03 -6.23
C GLY A 258 -10.56 -1.06 -5.00
N THR A 259 -11.17 -1.18 -3.82
CA THR A 259 -10.44 -1.14 -2.57
C THR A 259 -10.57 -2.43 -1.78
N THR A 260 -9.85 -2.47 -0.68
CA THR A 260 -9.82 -3.59 0.24
C THR A 260 -10.46 -3.19 1.56
N ILE A 261 -11.33 -4.05 2.08
CA ILE A 261 -11.78 -3.96 3.46
C ILE A 261 -11.05 -5.05 4.23
N THR A 262 -10.12 -4.66 5.09
CA THR A 262 -9.27 -5.61 5.81
C THR A 262 -9.82 -5.85 7.22
N VAL A 263 -10.07 -7.12 7.52
CA VAL A 263 -10.71 -7.53 8.76
C VAL A 263 -9.74 -8.55 9.37
N ASP A 264 -8.77 -8.05 10.18
CA ASP A 264 -7.57 -8.84 10.47
C ASP A 264 -7.00 -8.61 11.86
N GLY A 265 -7.73 -7.98 12.75
CA GLY A 265 -7.22 -7.80 14.10
C GLY A 265 -5.92 -7.07 14.20
N GLY A 266 -5.55 -6.24 13.21
CA GLY A 266 -4.32 -5.48 13.25
C GLY A 266 -3.16 -6.06 12.47
N TRP A 267 -3.34 -7.19 11.79
CA TRP A 267 -2.24 -7.86 11.11
C TRP A 267 -1.46 -6.93 10.17
N VAL A 268 -2.16 -6.23 9.26
CA VAL A 268 -1.45 -5.42 8.27
C VAL A 268 -1.08 -4.05 8.82
N ALA A 269 -1.65 -3.67 9.95
CA ALA A 269 -1.29 -2.39 10.56
C ALA A 269 0.12 -2.38 11.12
N GLN A 270 0.64 -3.53 11.52
CA GLN A 270 2.04 -3.61 11.94
C GLN A 270 2.92 -4.23 10.84
N GLY B 7 -39.11 3.78 20.21
CA GLY B 7 -39.12 2.64 19.30
C GLY B 7 -37.97 1.67 19.53
N GLU B 8 -37.76 0.79 18.57
CA GLU B 8 -36.80 -0.29 18.72
C GLU B 8 -35.37 0.24 18.83
N LYS B 9 -34.53 -0.51 19.54
CA LYS B 9 -33.12 -0.16 19.66
C LYS B 9 -32.43 -0.28 18.30
N ARG B 10 -31.49 0.64 18.06
CA ARG B 10 -30.68 0.69 16.86
C ARG B 10 -29.26 0.28 17.21
N VAL B 11 -28.43 0.12 16.18
CA VAL B 11 -27.15 -0.54 16.36
C VAL B 11 -26.24 0.23 17.32
N LEU B 12 -26.31 1.56 17.31
CA LEU B 12 -25.50 2.37 18.20
C LEU B 12 -26.29 2.98 19.36
N SER B 13 -27.48 2.48 19.64
CA SER B 13 -28.26 3.01 20.74
C SER B 13 -27.48 2.98 22.04
N GLY B 14 -27.51 4.10 22.76
CA GLY B 14 -26.83 4.20 24.03
C GLY B 14 -25.38 4.63 23.95
N ARG B 15 -24.79 4.71 22.76
CA ARG B 15 -23.40 5.14 22.64
C ARG B 15 -23.34 6.66 22.55
N VAL B 16 -22.34 7.25 23.21
CA VAL B 16 -22.09 8.69 23.14
C VAL B 16 -20.91 8.93 22.21
N ALA B 17 -21.15 9.77 21.20
CA ALA B 17 -20.16 10.12 20.19
C ALA B 17 -19.85 11.61 20.24
N VAL B 18 -18.61 11.92 19.94
CA VAL B 18 -18.09 13.27 19.77
C VAL B 18 -17.52 13.33 18.36
N VAL B 19 -17.98 14.31 17.57
CA VAL B 19 -17.47 14.53 16.22
C VAL B 19 -16.87 15.95 16.17
N THR B 20 -15.58 16.06 15.89
CA THR B 20 -14.98 17.38 15.79
C THR B 20 -15.22 17.94 14.40
N GLY B 21 -15.37 19.25 14.32
CA GLY B 21 -15.60 19.92 13.05
C GLY B 21 -16.84 19.46 12.33
N SER B 22 -17.99 19.41 13.04
CA SER B 22 -19.15 18.68 12.58
C SER B 22 -20.40 19.53 12.39
N ARG B 23 -20.24 20.84 12.25
CA ARG B 23 -21.38 21.72 11.98
C ARG B 23 -21.66 21.87 10.50
N LYS B 24 -20.79 21.34 9.65
CA LYS B 24 -20.97 21.42 8.20
C LYS B 24 -20.15 20.31 7.54
N GLY B 25 -20.49 20.06 6.28
CA GLY B 25 -19.69 19.19 5.45
C GLY B 25 -19.64 17.77 5.97
N ILE B 26 -18.47 17.17 5.80
CA ILE B 26 -18.29 15.75 6.11
C ILE B 26 -18.63 15.47 7.56
N GLY B 27 -18.17 16.33 8.48
CA GLY B 27 -18.43 16.08 9.87
C GLY B 27 -19.91 16.05 10.20
N LEU B 28 -20.68 16.96 9.61
CA LEU B 28 -22.12 16.96 9.81
C LEU B 28 -22.75 15.71 9.24
N GLY B 29 -22.32 15.28 8.06
CA GLY B 29 -22.82 14.01 7.53
C GLY B 29 -22.56 12.84 8.46
N ILE B 30 -21.37 12.79 9.04
CA ILE B 30 -21.05 11.71 9.98
C ILE B 30 -21.95 11.80 11.21
N ALA B 31 -22.08 13.00 11.79
CA ALA B 31 -22.93 13.16 12.97
C ALA B 31 -24.36 12.70 12.67
N MET B 32 -24.87 13.09 11.50
CA MET B 32 -26.22 12.72 11.11
C MET B 32 -26.37 11.20 11.02
N ARG B 33 -25.41 10.52 10.36
CA ARG B 33 -25.55 9.07 10.23
C ARG B 33 -25.38 8.36 11.58
N LEU B 34 -24.47 8.84 12.44
CA LEU B 34 -24.35 8.22 13.76
C LEU B 34 -25.64 8.36 14.56
N ALA B 35 -26.25 9.55 14.53
CA ALA B 35 -27.52 9.75 15.23
C ALA B 35 -28.61 8.87 14.64
N MET B 36 -28.65 8.77 13.31
CA MET B 36 -29.64 7.91 12.65
C MET B 36 -29.45 6.47 13.12
N ALA B 37 -28.22 6.07 13.42
CA ALA B 37 -27.91 4.74 13.90
C ALA B 37 -28.07 4.61 15.41
N GLY B 38 -28.51 5.67 16.09
CA GLY B 38 -28.89 5.59 17.47
C GLY B 38 -27.94 6.24 18.45
N ALA B 39 -26.83 6.80 18.01
CA ALA B 39 -25.87 7.42 18.92
C ALA B 39 -26.32 8.81 19.36
N ASP B 40 -26.06 9.12 20.64
CA ASP B 40 -26.00 10.49 21.12
C ASP B 40 -24.76 11.15 20.54
N VAL B 41 -24.87 12.44 20.22
CA VAL B 41 -23.80 13.13 19.50
C VAL B 41 -23.52 14.51 20.07
N VAL B 42 -22.25 14.84 20.22
CA VAL B 42 -21.81 16.20 20.52
C VAL B 42 -21.14 16.74 19.26
N LEU B 43 -21.66 17.85 18.75
CA LEU B 43 -21.11 18.59 17.63
C LEU B 43 -20.09 19.61 18.12
N ASN B 44 -19.23 20.05 17.20
CA ASN B 44 -18.14 20.94 17.58
C ASN B 44 -17.73 21.79 16.39
N GLY B 45 -17.31 23.02 16.70
CA GLY B 45 -16.76 23.97 15.76
C GLY B 45 -15.81 24.89 16.48
N PHE B 46 -15.16 25.79 15.73
CA PHE B 46 -14.13 26.63 16.32
C PHE B 46 -14.74 27.68 17.26
N ARG B 47 -15.76 28.40 16.80
CA ARG B 47 -16.42 29.41 17.61
C ARG B 47 -17.94 29.23 17.52
N GLN B 48 -18.64 29.77 18.52
CA GLN B 48 -20.09 29.75 18.48
C GLN B 48 -20.58 30.53 17.27
N SER B 49 -21.61 30.02 16.62
CA SER B 49 -22.23 30.68 15.49
C SER B 49 -23.74 30.78 15.71
N PRO B 50 -24.40 31.73 15.04
CA PRO B 50 -25.86 31.81 15.14
C PRO B 50 -26.57 30.54 14.74
N GLU B 51 -25.97 29.72 13.89
CA GLU B 51 -26.63 28.55 13.31
C GLU B 51 -26.58 27.32 14.21
N ASP B 52 -25.93 27.40 15.37
CA ASP B 52 -25.70 26.18 16.14
C ASP B 52 -27.01 25.49 16.52
N SER B 53 -28.02 26.27 16.93
CA SER B 53 -29.26 25.66 17.38
C SER B 53 -29.91 24.85 16.27
N ALA B 54 -29.98 25.43 15.06
CA ALA B 54 -30.64 24.75 13.96
C ALA B 54 -29.93 23.46 13.59
N ILE B 55 -28.59 23.48 13.60
CA ILE B 55 -27.81 22.29 13.26
C ILE B 55 -28.00 21.20 14.33
N VAL B 56 -27.94 21.60 15.61
CA VAL B 56 -28.21 20.65 16.69
C VAL B 56 -29.57 20.00 16.48
N GLU B 57 -30.59 20.79 16.16
CA GLU B 57 -31.93 20.21 16.03
C GLU B 57 -32.05 19.34 14.77
N LYS B 58 -31.28 19.66 13.73
CA LYS B 58 -31.24 18.77 12.57
C LYS B 58 -30.72 17.40 12.96
N VAL B 59 -29.64 17.36 13.74
CA VAL B 59 -29.10 16.05 14.14
C VAL B 59 -30.04 15.36 15.13
N ALA B 60 -30.65 16.13 16.05
CA ALA B 60 -31.57 15.58 17.04
C ALA B 60 -32.90 15.12 16.44
N ALA B 61 -33.15 15.38 15.17
CA ALA B 61 -34.39 14.88 14.59
C ALA B 61 -34.50 13.35 14.65
N TYR B 62 -33.40 12.62 14.86
CA TYR B 62 -33.45 11.15 14.90
C TYR B 62 -33.60 10.60 16.31
N GLY B 63 -34.07 11.40 17.25
CA GLY B 63 -34.46 10.90 18.55
C GLY B 63 -33.35 10.58 19.52
N THR B 64 -32.13 11.09 19.31
CA THR B 64 -31.07 10.91 20.28
C THR B 64 -30.76 12.25 20.95
N ARG B 65 -29.89 12.20 21.97
CA ARG B 65 -29.47 13.40 22.67
C ARG B 65 -28.33 14.06 21.89
N VAL B 66 -28.48 15.35 21.58
CA VAL B 66 -27.51 16.07 20.77
C VAL B 66 -27.12 17.37 21.48
N ARG B 67 -25.81 17.64 21.49
CA ARG B 67 -25.29 18.87 22.06
C ARG B 67 -24.36 19.52 21.05
N CYS B 68 -23.98 20.78 21.34
CA CYS B 68 -22.96 21.48 20.57
C CYS B 68 -22.00 22.15 21.53
N PHE B 69 -20.70 22.09 21.24
CA PHE B 69 -19.69 22.70 22.09
C PHE B 69 -18.62 23.32 21.20
N ALA B 70 -18.46 24.64 21.31
CA ALA B 70 -17.47 25.36 20.53
C ALA B 70 -16.13 25.27 21.22
N ALA B 71 -15.11 24.83 20.47
CA ALA B 71 -13.78 24.67 21.03
C ALA B 71 -12.77 24.72 19.89
N ASN B 72 -11.77 25.56 20.06
CA ASN B 72 -10.63 25.60 19.14
C ASN B 72 -9.80 24.34 19.37
N MET B 73 -9.88 23.40 18.44
CA MET B 73 -9.20 22.11 18.55
C MET B 73 -7.68 22.21 18.53
N LYS B 74 -7.13 23.37 18.19
CA LYS B 74 -5.68 23.56 18.28
C LYS B 74 -5.20 23.83 19.70
N ASP B 75 -6.13 24.03 20.64
CA ASP B 75 -5.81 24.36 22.02
C ASP B 75 -6.14 23.14 22.87
N ARG B 76 -5.11 22.48 23.40
CA ARG B 76 -5.33 21.23 24.12
C ARG B 76 -6.31 21.40 25.27
N ALA B 77 -6.31 22.57 25.90
CA ALA B 77 -7.21 22.81 27.02
C ALA B 77 -8.66 22.88 26.57
N GLN B 78 -8.90 23.43 25.37
CA GLN B 78 -10.26 23.45 24.85
C GLN B 78 -10.72 22.06 24.39
N VAL B 79 -9.80 21.24 23.89
CA VAL B 79 -10.14 19.84 23.60
C VAL B 79 -10.56 19.14 24.88
N GLU B 80 -9.78 19.33 25.94
CA GLU B 80 -10.14 18.77 27.25
C GLU B 80 -11.50 19.26 27.69
N ALA B 81 -11.76 20.55 27.50
CA ALA B 81 -13.05 21.11 27.90
C ALA B 81 -14.19 20.45 27.12
N LEU B 82 -13.97 20.14 25.84
CA LEU B 82 -14.99 19.47 25.05
C LEU B 82 -15.29 18.08 25.60
N ILE B 83 -14.23 17.34 25.94
CA ILE B 83 -14.44 16.01 26.49
C ILE B 83 -15.15 16.09 27.84
N LYS B 84 -14.73 17.01 28.71
CA LYS B 84 -15.36 17.12 30.02
C LYS B 84 -16.81 17.57 29.90
N PHE B 85 -17.10 18.47 28.95
CA PHE B 85 -18.47 18.90 28.71
C PHE B 85 -19.32 17.72 28.30
N THR B 86 -18.80 16.87 27.41
CA THR B 86 -19.56 15.69 26.99
C THR B 86 -19.81 14.76 28.18
N GLU B 87 -18.79 14.57 29.01
CA GLU B 87 -18.95 13.69 30.17
C GLU B 87 -20.01 14.23 31.11
N LYS B 88 -20.05 15.54 31.29
CA LYS B 88 -21.02 16.13 32.22
C LYS B 88 -22.44 16.09 31.63
N GLU B 89 -22.58 16.32 30.33
CA GLU B 89 -23.90 16.44 29.74
C GLU B 89 -24.50 15.08 29.38
N LEU B 90 -23.71 14.24 28.74
CA LEU B 90 -24.22 13.00 28.16
C LEU B 90 -23.64 11.73 28.77
N GLY B 91 -22.38 11.74 29.20
CA GLY B 91 -21.74 10.57 29.75
C GLY B 91 -20.42 10.33 29.07
N ALA B 92 -19.80 9.19 29.37
CA ALA B 92 -18.47 8.91 28.87
C ALA B 92 -18.44 8.92 27.34
N VAL B 93 -17.35 9.45 26.77
CA VAL B 93 -17.16 9.46 25.33
C VAL B 93 -16.79 8.05 24.88
N GLU B 94 -17.66 7.44 24.08
CA GLU B 94 -17.46 6.07 23.62
C GLU B 94 -17.02 5.99 22.17
N ILE B 95 -17.43 6.95 21.35
CA ILE B 95 -17.03 7.05 19.95
C ILE B 95 -16.43 8.44 19.74
N LEU B 96 -15.17 8.50 19.35
CA LEU B 96 -14.51 9.77 19.03
C LEU B 96 -14.26 9.78 17.53
N VAL B 97 -14.79 10.78 16.83
CA VAL B 97 -14.53 10.99 15.42
C VAL B 97 -13.69 12.24 15.28
N ASN B 98 -12.43 12.07 14.87
CA ASN B 98 -11.49 13.17 14.68
C ASN B 98 -11.61 13.63 13.24
N ASN B 99 -12.25 14.78 13.06
CA ASN B 99 -12.56 15.20 11.70
C ASN B 99 -12.15 16.63 11.38
N ALA B 100 -12.29 17.55 12.33
CA ALA B 100 -11.93 18.93 12.05
C ALA B 100 -10.65 18.99 11.23
N GLY B 101 -10.72 19.66 10.08
CA GLY B 101 -9.56 19.75 9.20
C GLY B 101 -9.69 20.96 8.30
N ILE B 102 -8.55 21.48 7.88
CA ILE B 102 -8.50 22.61 6.96
C ILE B 102 -7.57 22.26 5.81
N GLN B 103 -7.68 23.07 4.74
CA GLN B 103 -6.95 22.85 3.51
C GLN B 103 -6.32 24.17 3.08
N HIS B 104 -5.18 24.08 2.40
CA HIS B 104 -4.60 25.23 1.73
C HIS B 104 -3.77 24.74 0.55
N VAL B 105 -4.10 25.21 -0.65
CA VAL B 105 -3.48 24.76 -1.89
C VAL B 105 -2.42 25.78 -2.31
N SER B 106 -1.20 25.31 -2.45
CA SER B 106 -0.05 26.13 -2.80
C SER B 106 1.11 25.24 -3.23
N PRO B 107 1.92 25.65 -4.20
CA PRO B 107 3.18 24.93 -4.43
C PRO B 107 4.05 25.00 -3.20
N VAL B 108 4.94 24.01 -3.04
CA VAL B 108 5.76 23.90 -1.85
C VAL B 108 6.61 25.15 -1.67
N GLU B 109 7.13 25.72 -2.77
CA GLU B 109 8.09 26.81 -2.63
C GLU B 109 7.49 28.02 -1.95
N THR B 110 6.21 28.29 -2.17
CA THR B 110 5.56 29.47 -1.65
C THR B 110 4.56 29.16 -0.56
N PHE B 111 4.51 27.90 -0.09
CA PHE B 111 3.54 27.51 0.93
C PHE B 111 3.75 28.31 2.21
N PRO B 112 2.76 29.06 2.68
CA PRO B 112 2.97 29.92 3.86
C PRO B 112 3.25 29.09 5.10
N SER B 113 4.19 29.56 5.92
CA SER B 113 4.57 28.79 7.11
CA SER B 113 4.57 28.79 7.11
C SER B 113 3.42 28.67 8.09
N ASP B 114 2.66 29.76 8.30
CA ASP B 114 1.56 29.69 9.23
C ASP B 114 0.50 28.69 8.79
N LYS B 115 0.21 28.63 7.49
CA LYS B 115 -0.77 27.65 7.02
C LYS B 115 -0.27 26.23 7.17
N TRP B 116 1.02 25.99 6.88
CA TRP B 116 1.58 24.68 7.12
C TRP B 116 1.34 24.28 8.57
N ASP B 117 1.74 25.16 9.50
CA ASP B 117 1.60 24.86 10.92
C ASP B 117 0.15 24.60 11.31
N GLU B 118 -0.78 25.41 10.80
CA GLU B 118 -2.20 25.24 11.14
C GLU B 118 -2.71 23.89 10.67
N ILE B 119 -2.29 23.48 9.46
CA ILE B 119 -2.78 22.24 8.90
C ILE B 119 -2.25 21.05 9.68
N ILE B 120 -0.97 21.08 10.04
CA ILE B 120 -0.43 20.01 10.89
C ILE B 120 -1.15 20.01 12.24
N ALA B 121 -1.34 21.19 12.83
CA ALA B 121 -1.89 21.26 14.18
C ALA B 121 -3.31 20.72 14.24
N LEU B 122 -4.16 21.13 13.28
CA LEU B 122 -5.56 20.71 13.30
CA LEU B 122 -5.55 20.71 13.31
C LEU B 122 -5.73 19.31 12.75
N ASN B 123 -5.06 18.97 11.63
CA ASN B 123 -5.36 17.72 10.96
C ASN B 123 -4.67 16.51 11.58
N LEU B 124 -3.62 16.72 12.36
CA LEU B 124 -2.88 15.63 13.00
C LEU B 124 -2.79 15.78 14.51
N THR B 125 -2.27 16.89 15.03
CA THR B 125 -1.95 16.94 16.47
C THR B 125 -3.21 17.05 17.31
N SER B 126 -4.26 17.68 16.80
CA SER B 126 -5.50 17.73 17.56
CA SER B 126 -5.52 17.73 17.54
C SER B 126 -6.10 16.33 17.72
N ALA B 127 -5.97 15.48 16.70
CA ALA B 127 -6.48 14.12 16.82
C ALA B 127 -5.74 13.39 17.93
N PHE B 128 -4.42 13.62 18.03
CA PHE B 128 -3.62 13.01 19.10
C PHE B 128 -4.11 13.46 20.47
N HIS B 129 -4.32 14.76 20.63
CA HIS B 129 -4.79 15.27 21.92
C HIS B 129 -6.14 14.65 22.29
N ALA B 130 -7.08 14.66 21.36
CA ALA B 130 -8.41 14.16 21.71
C ALA B 130 -8.38 12.67 22.05
N THR B 131 -7.62 11.90 21.27
CA THR B 131 -7.49 10.47 21.51
C THR B 131 -6.86 10.22 22.88
N GLN B 132 -5.80 10.97 23.20
CA GLN B 132 -5.15 10.79 24.49
C GLN B 132 -6.13 11.05 25.62
N LEU B 133 -7.00 12.04 25.45
CA LEU B 133 -7.94 12.40 26.50
C LEU B 133 -9.08 11.40 26.64
N CYS B 134 -9.48 10.73 25.55
CA CYS B 134 -10.59 9.80 25.60
C CYS B 134 -10.20 8.36 25.94
N LEU B 135 -8.96 7.96 25.68
CA LEU B 135 -8.59 6.56 25.86
C LEU B 135 -8.74 6.04 27.28
N PRO B 136 -8.34 6.75 28.34
CA PRO B 136 -8.43 6.15 29.68
C PRO B 136 -9.83 5.69 30.03
N SER B 137 -10.87 6.48 29.72
CA SER B 137 -12.23 6.06 30.02
C SER B 137 -12.64 4.84 29.19
N MET B 138 -12.34 4.86 27.90
CA MET B 138 -12.56 3.71 27.04
C MET B 138 -11.93 2.44 27.59
N ARG B 139 -10.69 2.53 28.04
CA ARG B 139 -10.04 1.36 28.60
C ARG B 139 -10.76 0.90 29.87
N GLN B 140 -11.16 1.86 30.72
CA GLN B 140 -11.86 1.51 31.96
C GLN B 140 -13.16 0.76 31.69
N ARG B 141 -13.90 1.21 30.67
CA ARG B 141 -15.16 0.58 30.29
C ARG B 141 -15.05 -0.62 29.41
N GLY B 142 -13.91 -0.79 28.74
CA GLY B 142 -13.70 -1.94 27.89
C GLY B 142 -14.29 -1.82 26.52
N TRP B 143 -14.56 -0.61 26.07
CA TRP B 143 -15.15 -0.44 24.74
C TRP B 143 -14.78 0.93 24.20
N GLY B 144 -14.55 1.01 22.89
CA GLY B 144 -14.34 2.31 22.29
C GLY B 144 -14.23 2.24 20.80
N ARG B 145 -14.46 3.39 20.19
CA ARG B 145 -14.18 3.56 18.77
C ARG B 145 -13.48 4.90 18.59
N ILE B 146 -12.36 4.88 17.91
CA ILE B 146 -11.69 6.09 17.45
C ILE B 146 -11.68 6.01 15.94
N ILE B 147 -12.36 6.95 15.32
CA ILE B 147 -12.53 6.99 13.86
C ILE B 147 -11.88 8.29 13.39
N ASN B 148 -10.83 8.15 12.64
CA ASN B 148 -10.06 9.30 12.16
C ASN B 148 -10.41 9.55 10.70
N ILE B 149 -10.89 10.75 10.38
CA ILE B 149 -11.26 11.10 9.00
C ILE B 149 -10.00 11.65 8.33
N ALA B 150 -9.37 10.76 7.54
CA ALA B 150 -8.19 11.02 6.72
C ALA B 150 -8.68 11.48 5.36
N SER B 151 -8.04 11.00 4.31
CA SER B 151 -8.24 11.43 2.94
C SER B 151 -7.54 10.39 2.09
N VAL B 152 -7.93 10.30 0.81
CA VAL B 152 -7.06 9.74 -0.20
C VAL B 152 -5.67 10.35 -0.11
N GLN B 153 -5.59 11.62 0.30
CA GLN B 153 -4.31 12.33 0.41
C GLN B 153 -3.47 11.83 1.58
N GLY B 154 -4.02 10.93 2.38
CA GLY B 154 -3.22 10.19 3.34
C GLY B 154 -2.59 8.93 2.82
N LEU B 155 -2.93 8.53 1.60
CA LEU B 155 -2.38 7.35 0.96
C LEU B 155 -1.57 7.63 -0.27
N VAL B 156 -1.86 8.74 -0.98
CA VAL B 156 -1.12 9.17 -2.15
C VAL B 156 -0.88 10.67 -2.04
N GLY B 157 -0.02 11.17 -2.88
CA GLY B 157 0.24 12.58 -2.98
C GLY B 157 -0.57 13.26 -4.06
N SER B 158 -0.75 14.58 -3.90
CA SER B 158 -1.28 15.43 -4.98
C SER B 158 -0.52 16.75 -5.01
N MET B 159 -0.30 17.28 -6.22
CA MET B 159 0.40 18.55 -6.37
C MET B 159 -0.28 19.63 -5.53
N ASN B 160 0.56 20.46 -4.91
CA ASN B 160 0.14 21.68 -4.23
C ASN B 160 -0.63 21.43 -2.95
N LYS B 161 -0.53 20.22 -2.39
CA LYS B 161 -1.19 19.89 -1.14
C LYS B 161 -0.20 19.26 -0.19
N SER B 162 1.02 19.81 -0.17
CA SER B 162 2.08 19.19 0.65
C SER B 162 1.69 19.09 2.12
N ALA B 163 1.20 20.18 2.71
CA ALA B 163 0.91 20.14 4.15
C ALA B 163 -0.20 19.18 4.47
N TYR B 164 -1.27 19.22 3.67
CA TYR B 164 -2.42 18.34 3.84
C TYR B 164 -2.05 16.86 3.65
N CYS B 165 -1.26 16.55 2.61
CA CYS B 165 -0.86 15.17 2.42
C CYS B 165 0.02 14.71 3.56
N ALA B 166 0.93 15.57 4.04
CA ALA B 166 1.74 15.20 5.18
C ALA B 166 0.89 14.94 6.41
N ALA B 167 -0.06 15.84 6.69
CA ALA B 167 -0.88 15.67 7.90
C ALA B 167 -1.75 14.43 7.81
N LYS B 168 -2.37 14.20 6.65
CA LYS B 168 -3.27 13.05 6.50
C LYS B 168 -2.52 11.71 6.50
N HIS B 169 -1.36 11.63 5.82
CA HIS B 169 -0.48 10.48 5.98
C HIS B 169 -0.15 10.26 7.46
N GLY B 170 0.21 11.34 8.18
CA GLY B 170 0.53 11.21 9.60
C GLY B 170 -0.63 10.68 10.42
N LEU B 171 -1.86 11.12 10.08
CA LEU B 171 -3.04 10.66 10.82
C LEU B 171 -3.27 9.16 10.62
N ILE B 172 -3.00 8.65 9.41
CA ILE B 172 -3.07 7.22 9.15
C ILE B 172 -2.01 6.46 9.97
N GLY B 173 -0.78 6.98 10.01
CA GLY B 173 0.24 6.37 10.89
C GLY B 173 -0.19 6.33 12.34
N PHE B 174 -0.75 7.43 12.83
CA PHE B 174 -1.23 7.48 14.21
C PHE B 174 -2.32 6.44 14.43
N THR B 175 -3.23 6.32 13.47
CA THR B 175 -4.31 5.34 13.58
C THR B 175 -3.77 3.95 13.79
N LYS B 176 -2.73 3.60 13.02
CA LYS B 176 -2.15 2.26 13.16
C LYS B 176 -1.62 2.04 14.57
N VAL B 177 -0.92 3.03 15.10
CA VAL B 177 -0.32 2.85 16.42
C VAL B 177 -1.39 2.70 17.49
N VAL B 178 -2.40 3.56 17.46
CA VAL B 178 -3.46 3.51 18.47
C VAL B 178 -4.15 2.15 18.41
N ALA B 179 -4.42 1.67 17.20
CA ALA B 179 -5.04 0.35 17.02
C ALA B 179 -4.17 -0.75 17.62
N LEU B 180 -2.84 -0.70 17.40
CA LEU B 180 -1.97 -1.73 17.92
C LEU B 180 -1.91 -1.68 19.45
N GLU B 181 -1.87 -0.47 20.04
CA GLU B 181 -1.81 -0.37 21.48
C GLU B 181 -3.09 -0.83 22.16
N THR B 182 -4.21 -0.87 21.44
CA THR B 182 -5.49 -1.28 21.99
C THR B 182 -5.98 -2.62 21.43
N ALA B 183 -5.13 -3.34 20.70
CA ALA B 183 -5.62 -4.47 19.91
C ALA B 183 -6.26 -5.58 20.75
N THR B 184 -5.83 -5.78 21.99
CA THR B 184 -6.40 -6.84 22.80
C THR B 184 -7.60 -6.38 23.64
N THR B 185 -8.15 -5.20 23.35
CA THR B 185 -9.27 -4.63 24.08
C THR B 185 -10.46 -4.51 23.15
N GLY B 186 -11.59 -4.07 23.70
CA GLY B 186 -12.75 -3.70 22.93
C GLY B 186 -12.72 -2.31 22.31
N ILE B 187 -11.54 -1.71 22.26
CA ILE B 187 -11.34 -0.41 21.61
C ILE B 187 -10.71 -0.68 20.25
N THR B 188 -11.30 -0.11 19.19
CA THR B 188 -10.65 -0.12 17.88
C THR B 188 -10.35 1.31 17.43
N CYS B 189 -9.36 1.45 16.55
CA CYS B 189 -9.06 2.73 15.92
C CYS B 189 -8.86 2.45 14.44
N ASN B 190 -9.53 3.22 13.59
CA ASN B 190 -9.44 3.06 12.14
C ASN B 190 -9.58 4.43 11.48
N ALA B 191 -9.26 4.50 10.18
CA ALA B 191 -9.37 5.75 9.44
C ALA B 191 -10.31 5.57 8.24
N ILE B 192 -11.00 6.62 7.89
CA ILE B 192 -11.78 6.67 6.64
C ILE B 192 -11.06 7.64 5.71
N CYS B 193 -10.96 7.27 4.43
CA CYS B 193 -10.19 8.04 3.45
C CYS B 193 -11.08 8.45 2.30
N PRO B 194 -11.78 9.58 2.39
CA PRO B 194 -12.62 10.02 1.28
C PRO B 194 -11.81 10.61 0.14
N GLY B 195 -12.34 10.46 -1.07
CA GLY B 195 -11.90 11.24 -2.22
C GLY B 195 -12.61 12.58 -2.28
N TYR B 196 -12.93 13.07 -3.47
CA TYR B 196 -13.64 14.34 -3.58
C TYR B 196 -15.07 14.15 -3.10
N VAL B 197 -15.47 14.96 -2.13
CA VAL B 197 -16.78 14.91 -1.52
C VAL B 197 -17.52 16.18 -1.90
N TYR B 198 -18.82 16.03 -2.17
CA TYR B 198 -19.70 17.15 -2.50
C TYR B 198 -20.08 17.87 -1.22
N THR B 199 -19.27 18.85 -0.85
CA THR B 199 -19.53 19.70 0.29
C THR B 199 -20.24 20.97 -0.15
N PRO B 200 -20.79 21.75 0.79
CA PRO B 200 -21.38 23.04 0.38
C PRO B 200 -20.38 23.96 -0.30
N LEU B 201 -19.13 23.98 0.14
CA LEU B 201 -18.11 24.79 -0.52
C LEU B 201 -17.87 24.29 -1.93
N VAL B 202 -17.70 22.97 -2.09
CA VAL B 202 -17.51 22.39 -3.41
C VAL B 202 -18.73 22.65 -4.28
N GLU B 203 -19.93 22.57 -3.70
CA GLU B 203 -21.15 22.86 -4.46
C GLU B 203 -21.14 24.29 -4.98
N GLU B 204 -20.73 25.25 -4.14
CA GLU B 204 -20.63 26.63 -4.59
C GLU B 204 -19.64 26.77 -5.74
N GLN B 205 -18.47 26.15 -5.60
CA GLN B 205 -17.46 26.24 -6.66
C GLN B 205 -17.98 25.65 -7.97
N ILE B 206 -18.67 24.51 -7.90
CA ILE B 206 -19.17 23.88 -9.12
C ILE B 206 -20.26 24.73 -9.77
N LYS B 207 -21.16 25.29 -8.96
CA LYS B 207 -22.19 26.16 -9.52
C LYS B 207 -21.55 27.36 -10.22
N ALA B 208 -20.56 27.98 -9.58
CA ALA B 208 -19.90 29.15 -10.16
C ALA B 208 -19.22 28.79 -11.48
N VAL B 209 -18.45 27.71 -11.50
CA VAL B 209 -17.73 27.33 -12.71
C VAL B 209 -18.70 26.94 -13.82
N ALA B 210 -19.78 26.25 -13.46
CA ALA B 210 -20.76 25.82 -14.46
C ALA B 210 -21.45 27.01 -15.11
N GLU B 211 -21.78 28.04 -14.31
CA GLU B 211 -22.34 29.24 -14.93
C GLU B 211 -21.30 29.93 -15.83
N ALA B 212 -20.08 30.14 -15.31
CA ALA B 212 -19.13 30.97 -16.02
C ALA B 212 -18.67 30.31 -17.32
N LYS B 213 -18.20 29.07 -17.24
CA LYS B 213 -17.54 28.42 -18.37
C LYS B 213 -18.37 27.28 -18.96
N TYR B 214 -19.64 27.18 -18.60
CA TYR B 214 -20.51 26.16 -19.19
C TYR B 214 -21.95 26.67 -19.29
N GLU B 219 -22.83 19.42 -14.17
CA GLU B 219 -22.63 19.76 -15.57
C GLU B 219 -21.26 19.28 -16.04
N ALA B 220 -20.73 19.95 -17.08
CA ALA B 220 -19.38 19.67 -17.53
C ALA B 220 -18.32 20.17 -16.54
N ALA B 221 -18.66 21.17 -15.73
CA ALA B 221 -17.75 21.63 -14.68
C ALA B 221 -17.35 20.47 -13.76
N THR B 222 -18.36 19.72 -13.29
CA THR B 222 -18.11 18.54 -12.49
C THR B 222 -17.15 17.58 -13.19
N GLN B 223 -17.41 17.30 -14.48
CA GLN B 223 -16.62 16.31 -15.19
C GLN B 223 -15.17 16.73 -15.29
N ALA B 224 -14.93 18.00 -15.66
CA ALA B 224 -13.55 18.48 -15.75
C ALA B 224 -12.87 18.39 -14.40
N PHE B 225 -13.57 18.80 -13.33
CA PHE B 225 -12.92 18.78 -12.03
C PHE B 225 -12.56 17.37 -11.59
N LEU B 226 -13.45 16.41 -11.83
CA LEU B 226 -13.27 15.06 -11.30
C LEU B 226 -12.41 14.16 -12.17
N CYS B 227 -12.28 14.47 -13.47
CA CYS B 227 -11.70 13.52 -14.42
C CYS B 227 -10.28 13.15 -14.05
N GLU B 228 -9.49 14.12 -13.56
CA GLU B 228 -8.08 13.85 -13.28
C GLU B 228 -7.91 12.73 -12.27
N LYS B 229 -8.70 12.76 -11.20
CA LYS B 229 -8.38 12.02 -9.99
C LYS B 229 -9.35 10.92 -9.63
N GLN B 230 -10.61 11.08 -9.99
CA GLN B 230 -11.69 10.25 -9.43
C GLN B 230 -12.42 9.50 -10.54
N PRO B 231 -12.03 8.24 -10.81
CA PRO B 231 -12.48 7.56 -12.03
C PRO B 231 -13.98 7.44 -12.12
N ALA B 232 -14.69 7.42 -11.01
CA ALA B 232 -16.14 7.33 -11.08
C ALA B 232 -16.78 8.53 -11.76
N LYS B 233 -16.07 9.65 -11.87
CA LYS B 233 -16.59 10.86 -12.50
C LYS B 233 -17.89 11.30 -11.81
N ALA B 234 -17.89 11.14 -10.49
CA ALA B 234 -18.99 11.46 -9.60
C ALA B 234 -18.39 11.71 -8.22
N PHE B 235 -19.11 12.49 -7.43
CA PHE B 235 -18.65 12.84 -6.10
C PHE B 235 -19.04 11.76 -5.09
N VAL B 236 -18.19 11.60 -4.09
CA VAL B 236 -18.60 10.94 -2.85
C VAL B 236 -19.49 11.89 -2.06
N THR B 237 -20.45 11.34 -1.34
CA THR B 237 -21.36 12.17 -0.55
C THR B 237 -20.97 12.11 0.92
N VAL B 238 -21.39 13.14 1.66
CA VAL B 238 -21.14 13.14 3.10
C VAL B 238 -21.89 12.00 3.78
N GLU B 239 -23.06 11.62 3.22
CA GLU B 239 -23.81 10.48 3.74
C GLU B 239 -23.02 9.18 3.60
N GLN B 240 -22.30 9.00 2.50
CA GLN B 240 -21.48 7.80 2.36
C GLN B 240 -20.35 7.77 3.36
N VAL B 241 -19.68 8.91 3.59
CA VAL B 241 -18.65 8.92 4.62
C VAL B 241 -19.24 8.56 5.97
N GLY B 242 -20.42 9.14 6.27
CA GLY B 242 -21.13 8.79 7.51
C GLY B 242 -21.44 7.31 7.60
N ASP B 243 -21.88 6.70 6.49
CA ASP B 243 -22.16 5.27 6.47
C ASP B 243 -20.92 4.44 6.81
N ALA B 244 -19.76 4.87 6.31
CA ALA B 244 -18.52 4.19 6.68
C ALA B 244 -18.22 4.31 8.17
N ALA B 245 -18.48 5.49 8.75
CA ALA B 245 -18.29 5.65 10.19
C ALA B 245 -19.21 4.73 11.00
N VAL B 246 -20.48 4.65 10.59
CA VAL B 246 -21.42 3.76 11.24
C VAL B 246 -20.94 2.32 11.15
N PHE B 247 -20.44 1.91 9.97
CA PHE B 247 -19.93 0.56 9.84
C PHE B 247 -18.77 0.30 10.80
N LEU B 248 -17.80 1.23 10.86
CA LEU B 248 -16.67 1.02 11.75
C LEU B 248 -17.11 1.00 13.22
N ALA B 249 -18.18 1.72 13.55
CA ALA B 249 -18.64 1.80 14.93
C ALA B 249 -19.46 0.60 15.37
N SER B 250 -19.89 -0.23 14.42
CA SER B 250 -20.80 -1.35 14.64
CA SER B 250 -20.81 -1.33 14.66
C SER B 250 -20.08 -2.59 15.15
N PRO B 251 -20.85 -3.54 15.73
CA PRO B 251 -20.24 -4.78 16.24
C PRO B 251 -19.52 -5.61 15.21
N GLY B 252 -19.97 -5.57 13.95
CA GLY B 252 -19.32 -6.28 12.88
C GLY B 252 -17.89 -5.84 12.64
N ALA B 253 -17.52 -4.66 13.13
CA ALA B 253 -16.17 -4.11 12.98
C ALA B 253 -15.33 -4.26 14.24
N ASP B 254 -15.76 -5.12 15.17
CA ASP B 254 -15.02 -5.37 16.40
C ASP B 254 -13.59 -5.83 16.14
N MET B 255 -13.33 -6.50 15.01
CA MET B 255 -11.96 -6.93 14.72
C MET B 255 -11.32 -6.21 13.55
N ILE B 256 -11.90 -5.10 13.10
CA ILE B 256 -11.27 -4.22 12.14
C ILE B 256 -10.44 -3.26 12.96
N ARG B 257 -9.12 -3.31 12.77
CA ARG B 257 -8.21 -2.55 13.62
C ARG B 257 -7.05 -2.01 12.80
N GLY B 258 -6.84 -0.71 12.90
CA GLY B 258 -5.69 -0.10 12.31
C GLY B 258 -5.72 0.02 10.82
N THR B 259 -6.90 0.05 10.20
CA THR B 259 -6.94 -0.02 8.75
C THR B 259 -7.67 1.22 8.23
N THR B 260 -7.77 1.30 6.90
CA THR B 260 -8.42 2.40 6.20
C THR B 260 -9.63 1.87 5.45
N ILE B 261 -10.74 2.59 5.52
CA ILE B 261 -11.87 2.40 4.62
C ILE B 261 -11.84 3.57 3.64
N THR B 262 -11.46 3.27 2.38
CA THR B 262 -11.31 4.27 1.33
C THR B 262 -12.62 4.37 0.54
N VAL B 263 -13.15 5.58 0.49
CA VAL B 263 -14.43 5.87 -0.16
C VAL B 263 -14.10 6.95 -1.19
N ASP B 264 -13.69 6.53 -2.37
CA ASP B 264 -13.04 7.48 -3.26
C ASP B 264 -13.35 7.30 -4.74
N GLY B 265 -14.37 6.52 -5.12
CA GLY B 265 -14.71 6.37 -6.52
C GLY B 265 -13.59 5.81 -7.37
N GLY B 266 -12.66 5.07 -6.74
CA GLY B 266 -11.56 4.44 -7.46
C GLY B 266 -10.24 5.21 -7.52
N TRP B 267 -10.12 6.35 -6.83
CA TRP B 267 -8.92 7.19 -6.89
C TRP B 267 -7.64 6.41 -6.59
N VAL B 268 -7.63 5.63 -5.51
CA VAL B 268 -6.39 4.97 -5.08
C VAL B 268 -6.19 3.66 -5.81
N ALA B 269 -7.25 3.11 -6.38
CA ALA B 269 -7.13 1.88 -7.15
C ALA B 269 -6.28 2.03 -8.40
N GLN B 270 -6.19 3.23 -8.98
CA GLN B 270 -5.33 3.46 -10.15
C GLN B 270 -4.06 4.19 -9.76
N LYS C 9 35.53 9.83 -12.71
CA LYS C 9 35.88 9.84 -11.29
C LYS C 9 34.94 8.93 -10.50
N ARG C 10 34.06 9.53 -9.69
CA ARG C 10 33.10 8.82 -8.88
C ARG C 10 31.70 9.33 -9.19
N VAL C 11 30.69 8.57 -8.78
CA VAL C 11 29.34 8.76 -9.32
C VAL C 11 28.75 10.11 -8.91
N LEU C 12 29.08 10.59 -7.71
CA LEU C 12 28.60 11.87 -7.25
C LEU C 12 29.69 12.94 -7.24
N SER C 13 30.76 12.75 -8.01
CA SER C 13 31.86 13.69 -8.01
C SER C 13 31.36 15.09 -8.34
N GLY C 14 31.74 16.06 -7.51
CA GLY C 14 31.39 17.44 -7.72
C GLY C 14 30.10 17.88 -7.06
N ARG C 15 29.21 16.94 -6.75
CA ARG C 15 27.90 17.30 -6.23
C ARG C 15 28.05 17.82 -4.80
N VAL C 16 27.22 18.80 -4.45
CA VAL C 16 27.21 19.34 -3.10
C VAL C 16 26.00 18.82 -2.36
N ALA C 17 26.25 18.14 -1.25
CA ALA C 17 25.22 17.56 -0.40
C ALA C 17 25.22 18.20 0.99
N VAL C 18 24.02 18.39 1.50
CA VAL C 18 23.78 18.80 2.88
C VAL C 18 23.07 17.66 3.57
N VAL C 19 23.58 17.23 4.72
CA VAL C 19 22.89 16.21 5.51
C VAL C 19 22.50 16.87 6.82
N THR C 20 21.20 17.02 7.07
CA THR C 20 20.77 17.51 8.37
C THR C 20 20.90 16.35 9.38
N GLY C 21 21.13 16.70 10.63
CA GLY C 21 21.30 15.68 11.64
C GLY C 21 22.38 14.66 11.33
N SER C 22 23.58 15.09 10.95
CA SER C 22 24.60 14.13 10.53
C SER C 22 25.68 13.95 11.56
N ARG C 23 25.41 14.34 12.81
CA ARG C 23 26.43 14.31 13.85
C ARG C 23 26.75 12.87 14.27
N LYS C 24 25.76 11.99 14.26
CA LYS C 24 25.98 10.60 14.64
C LYS C 24 24.98 9.71 13.91
N GLY C 25 25.15 8.40 14.11
CA GLY C 25 24.16 7.44 13.66
C GLY C 25 23.97 7.44 12.16
N ILE C 26 22.69 7.32 11.77
CA ILE C 26 22.33 7.18 10.37
C ILE C 26 22.81 8.38 9.55
N GLY C 27 22.61 9.59 10.08
CA GLY C 27 23.00 10.77 9.31
C GLY C 27 24.48 10.81 9.00
N LEU C 28 25.31 10.49 10.01
CA LEU C 28 26.74 10.42 9.77
C LEU C 28 27.06 9.34 8.76
N GLY C 29 26.40 8.17 8.84
CA GLY C 29 26.68 7.11 7.89
C GLY C 29 26.30 7.49 6.47
N ILE C 30 25.19 8.21 6.32
CA ILE C 30 24.80 8.72 5.00
C ILE C 30 25.84 9.70 4.47
N ALA C 31 26.27 10.65 5.33
CA ALA C 31 27.30 11.61 4.92
C ALA C 31 28.55 10.89 4.44
N MET C 32 28.97 9.87 5.19
CA MET C 32 30.17 9.12 4.82
C MET C 32 30.01 8.47 3.45
N ARG C 33 28.87 7.80 3.20
CA ARG C 33 28.70 7.14 1.90
C ARG C 33 28.61 8.15 0.75
N LEU C 34 27.96 9.29 0.96
CA LEU C 34 27.91 10.31 -0.07
C LEU C 34 29.31 10.82 -0.39
N ALA C 35 30.13 11.08 0.64
CA ALA C 35 31.50 11.53 0.39
C ALA C 35 32.32 10.43 -0.29
N MET C 36 32.11 9.19 0.13
CA MET C 36 32.78 8.04 -0.47
C MET C 36 32.46 7.94 -1.96
N ALA C 37 31.24 8.34 -2.36
CA ALA C 37 30.84 8.37 -3.76
C ALA C 37 31.22 9.67 -4.46
N GLY C 38 31.93 10.56 -3.79
CA GLY C 38 32.50 11.72 -4.46
C GLY C 38 31.86 13.05 -4.14
N ALA C 39 30.80 13.09 -3.33
CA ALA C 39 30.11 14.34 -3.04
C ALA C 39 30.90 15.15 -2.03
N ASP C 40 30.92 16.47 -2.24
CA ASP C 40 31.22 17.41 -1.16
C ASP C 40 30.05 17.41 -0.18
N VAL C 41 30.34 17.52 1.11
CA VAL C 41 29.28 17.31 2.11
C VAL C 41 29.36 18.36 3.21
N VAL C 42 28.20 18.90 3.58
CA VAL C 42 28.04 19.77 4.74
C VAL C 42 27.35 18.95 5.82
N LEU C 43 28.00 18.81 6.96
CA LEU C 43 27.48 18.10 8.12
C LEU C 43 26.82 19.09 9.06
N ASN C 44 25.53 18.92 9.34
CA ASN C 44 24.84 19.77 10.31
C ASN C 44 24.65 19.02 11.63
N GLY C 45 24.91 19.72 12.73
CA GLY C 45 24.72 19.15 14.04
C GLY C 45 26.00 19.06 14.85
N SER C 49 34.14 19.76 21.11
CA SER C 49 34.40 20.07 19.71
C SER C 49 35.65 19.41 19.14
N PRO C 50 36.60 18.97 20.00
CA PRO C 50 37.68 18.10 19.48
C PRO C 50 37.13 16.83 18.84
N GLU C 51 36.13 16.22 19.46
CA GLU C 51 35.47 15.05 18.87
C GLU C 51 34.82 15.40 17.53
N ASP C 52 34.23 16.59 17.45
CA ASP C 52 33.64 17.03 16.19
C ASP C 52 34.69 17.13 15.09
N SER C 53 35.87 17.68 15.42
CA SER C 53 36.95 17.76 14.45
C SER C 53 37.36 16.37 14.00
N ALA C 54 37.45 15.42 14.94
CA ALA C 54 37.78 14.05 14.57
C ALA C 54 36.77 13.47 13.60
N ILE C 55 35.47 13.71 13.87
CA ILE C 55 34.41 13.20 12.99
C ILE C 55 34.54 13.79 11.59
N VAL C 56 34.75 15.10 11.51
CA VAL C 56 34.91 15.75 10.21
C VAL C 56 36.12 15.19 9.47
N GLU C 57 37.24 14.98 10.17
CA GLU C 57 38.42 14.44 9.50
C GLU C 57 38.12 13.05 8.94
N LYS C 58 37.34 12.26 9.68
CA LYS C 58 36.96 10.94 9.20
C LYS C 58 36.16 11.05 7.91
N VAL C 59 35.21 11.98 7.85
CA VAL C 59 34.47 12.13 6.59
C VAL C 59 35.39 12.64 5.47
N ALA C 60 36.31 13.53 5.80
CA ALA C 60 37.21 14.09 4.80
C ALA C 60 38.19 13.05 4.26
N ALA C 61 38.31 11.91 4.94
CA ALA C 61 39.20 10.86 4.43
C ALA C 61 38.79 10.34 3.06
N TYR C 62 37.57 10.65 2.60
CA TYR C 62 37.14 10.24 1.28
C TYR C 62 37.50 11.24 0.19
N GLY C 63 38.29 12.27 0.51
CA GLY C 63 38.88 13.08 -0.53
C GLY C 63 38.01 14.13 -1.16
N THR C 64 36.93 14.54 -0.51
CA THR C 64 36.06 15.60 -1.03
C THR C 64 36.08 16.77 -0.06
N ARG C 65 35.40 17.85 -0.44
CA ARG C 65 35.33 19.01 0.43
C ARG C 65 34.23 18.79 1.46
N VAL C 66 34.61 18.91 2.73
CA VAL C 66 33.72 18.68 3.85
C VAL C 66 33.66 19.94 4.69
N ARG C 67 32.45 20.31 5.10
CA ARG C 67 32.22 21.45 5.96
C ARG C 67 31.28 21.03 7.08
N CYS C 68 31.27 21.80 8.17
CA CYS C 68 30.28 21.56 9.21
C CYS C 68 29.58 22.87 9.61
N PHE C 69 28.35 22.72 10.11
CA PHE C 69 27.50 23.83 10.50
C PHE C 69 26.63 23.35 11.67
N ALA C 70 26.10 24.28 12.44
CA ALA C 70 25.44 23.96 13.70
C ALA C 70 24.07 24.62 13.78
N ALA C 71 23.23 24.40 12.78
CA ALA C 71 21.90 25.01 12.76
C ALA C 71 20.88 24.16 13.51
N ASN C 72 20.13 24.81 14.40
CA ASN C 72 18.97 24.20 15.03
C ASN C 72 17.87 24.12 13.98
N MET C 73 17.57 22.90 13.54
CA MET C 73 16.69 22.72 12.40
C MET C 73 15.25 23.12 12.69
N LYS C 74 14.90 23.40 13.94
CA LYS C 74 13.57 23.87 14.26
C LYS C 74 13.39 25.38 14.07
N ASP C 75 14.46 26.10 13.74
CA ASP C 75 14.45 27.56 13.64
C ASP C 75 14.67 27.90 12.18
N ARG C 76 13.61 28.37 11.52
CA ARG C 76 13.68 28.61 10.08
C ARG C 76 14.85 29.52 9.71
N ALA C 77 15.17 30.51 10.56
CA ALA C 77 16.28 31.40 10.28
C ALA C 77 17.61 30.65 10.23
N GLN C 78 17.79 29.67 11.11
CA GLN C 78 19.04 28.90 11.11
C GLN C 78 19.10 27.90 9.97
N VAL C 79 17.96 27.33 9.56
CA VAL C 79 17.96 26.50 8.35
C VAL C 79 18.38 27.35 7.16
N GLU C 80 17.84 28.57 7.08
CA GLU C 80 18.24 29.47 6.01
C GLU C 80 19.74 29.71 6.03
N ALA C 81 20.29 29.97 7.23
CA ALA C 81 21.72 30.20 7.35
C ALA C 81 22.53 28.97 6.94
N LEU C 82 22.03 27.77 7.20
CA LEU C 82 22.73 26.55 6.77
C LEU C 82 22.83 26.50 5.25
N ILE C 83 21.72 26.80 4.58
CA ILE C 83 21.73 26.78 3.12
C ILE C 83 22.66 27.87 2.57
N LYS C 84 22.61 29.07 3.15
CA LYS C 84 23.43 30.16 2.63
C LYS C 84 24.91 29.91 2.89
N PHE C 85 25.24 29.33 4.04
CA PHE C 85 26.60 28.88 4.32
C PHE C 85 27.08 27.91 3.26
N THR C 86 26.25 26.91 2.93
CA THR C 86 26.67 25.94 1.92
C THR C 86 26.90 26.62 0.58
N GLU C 87 26.01 27.53 0.20
CA GLU C 87 26.17 28.23 -1.07
C GLU C 87 27.47 29.03 -1.09
N LYS C 88 27.79 29.69 0.02
CA LYS C 88 29.02 30.48 0.07
C LYS C 88 30.25 29.58 -0.04
N GLU C 89 30.24 28.46 0.67
CA GLU C 89 31.45 27.65 0.84
C GLU C 89 31.69 26.75 -0.35
N LEU C 90 30.65 26.05 -0.82
CA LEU C 90 30.77 25.02 -1.83
C LEU C 90 29.97 25.32 -3.09
N GLY C 91 29.07 26.27 -3.03
CA GLY C 91 28.12 26.46 -4.06
C GLY C 91 26.79 25.82 -3.69
N ALA C 92 25.98 25.72 -4.72
CA ALA C 92 24.57 25.44 -4.54
C ALA C 92 24.37 24.09 -3.86
N VAL C 93 23.22 23.97 -3.19
CA VAL C 93 22.85 22.71 -2.55
C VAL C 93 22.20 21.87 -3.63
N GLU C 94 22.84 20.75 -3.98
CA GLU C 94 22.33 19.90 -5.05
C GLU C 94 21.64 18.65 -4.51
N ILE C 95 22.14 18.12 -3.39
CA ILE C 95 21.58 16.95 -2.71
C ILE C 95 21.21 17.38 -1.29
N LEU C 96 19.93 17.34 -0.94
CA LEU C 96 19.47 17.65 0.40
C LEU C 96 19.02 16.34 1.03
N VAL C 97 19.65 15.95 2.13
CA VAL C 97 19.22 14.79 2.90
C VAL C 97 18.57 15.29 4.20
N ASN C 98 17.26 15.10 4.31
CA ASN C 98 16.47 15.46 5.49
C ASN C 98 16.49 14.28 6.45
N ASN C 99 17.22 14.42 7.54
CA ASN C 99 17.38 13.35 8.52
C ASN C 99 17.17 13.90 9.93
N ALA C 100 16.11 13.46 10.62
CA ALA C 100 15.74 14.06 11.91
C ALA C 100 16.47 13.39 13.07
N GLY C 101 16.24 12.08 13.25
CA GLY C 101 17.06 11.30 14.16
C GLY C 101 16.68 11.34 15.62
N ILE C 102 15.42 11.63 15.94
CA ILE C 102 14.96 11.65 17.33
CA ILE C 102 14.93 11.67 17.32
C ILE C 102 13.79 10.68 17.48
N GLN C 103 13.61 10.22 18.71
CA GLN C 103 12.68 9.18 19.07
C GLN C 103 12.29 9.40 20.51
N HIS C 104 11.05 8.99 20.84
CA HIS C 104 10.58 8.90 22.21
C HIS C 104 9.53 7.80 22.28
N VAL C 105 9.76 6.80 23.14
CA VAL C 105 8.88 5.64 23.28
C VAL C 105 7.99 5.83 24.50
N SER C 106 6.69 5.76 24.27
CA SER C 106 5.67 5.92 25.30
C SER C 106 4.33 5.45 24.78
N PRO C 107 3.48 4.86 25.60
CA PRO C 107 2.08 4.66 25.16
C PRO C 107 1.45 6.01 24.87
N VAL C 108 0.40 5.99 24.04
CA VAL C 108 -0.27 7.21 23.63
C VAL C 108 -0.81 7.99 24.83
N GLU C 109 -1.36 7.29 25.83
CA GLU C 109 -2.07 7.98 26.91
C GLU C 109 -1.16 8.90 27.71
N THR C 110 0.11 8.53 27.83
CA THR C 110 1.07 9.29 28.62
C THR C 110 2.13 9.95 27.75
N PHE C 111 1.95 10.00 26.43
CA PHE C 111 2.95 10.57 25.55
C PHE C 111 3.06 12.07 25.82
N PRO C 112 4.22 12.60 26.23
CA PRO C 112 4.29 14.03 26.59
C PRO C 112 4.02 14.90 25.38
N SER C 113 3.22 15.95 25.59
CA SER C 113 2.87 16.83 24.48
C SER C 113 4.11 17.45 23.86
N ASP C 114 5.09 17.87 24.66
CA ASP C 114 6.24 18.56 24.08
C ASP C 114 7.10 17.61 23.26
N LYS C 115 7.14 16.32 23.64
CA LYS C 115 7.89 15.35 22.83
C LYS C 115 7.18 15.04 21.52
N TRP C 116 5.86 14.94 21.55
CA TRP C 116 5.09 14.82 20.32
C TRP C 116 5.41 16.00 19.41
N ASP C 117 5.29 17.22 19.93
CA ASP C 117 5.53 18.39 19.09
C ASP C 117 6.95 18.39 18.53
N GLU C 118 7.94 17.99 19.34
CA GLU C 118 9.33 18.01 18.89
C GLU C 118 9.58 17.00 17.78
N ILE C 119 9.02 15.80 17.90
CA ILE C 119 9.19 14.79 16.87
C ILE C 119 8.52 15.22 15.56
N ILE C 120 7.28 15.74 15.66
CA ILE C 120 6.61 16.23 14.45
C ILE C 120 7.42 17.38 13.83
N ALA C 121 7.88 18.33 14.67
CA ALA C 121 8.57 19.51 14.18
C ALA C 121 9.84 19.14 13.44
N LEU C 122 10.66 18.26 14.02
CA LEU C 122 11.94 17.96 13.39
C LEU C 122 11.79 17.05 12.20
N ASN C 123 10.81 16.14 12.18
CA ASN C 123 10.64 15.28 11.00
C ASN C 123 9.93 15.98 9.85
N LEU C 124 8.83 16.62 10.12
CA LEU C 124 8.03 17.18 9.04
C LEU C 124 8.39 18.64 8.76
N THR C 125 8.19 19.51 9.74
CA THR C 125 8.26 20.92 9.46
C THR C 125 9.67 21.30 9.07
N SER C 126 10.67 20.70 9.71
CA SER C 126 12.05 21.03 9.36
C SER C 126 12.40 20.58 7.95
N ALA C 127 11.92 19.40 7.55
CA ALA C 127 12.12 18.91 6.18
C ALA C 127 11.42 19.82 5.19
N PHE C 128 10.22 20.26 5.53
CA PHE C 128 9.49 21.20 4.70
C PHE C 128 10.29 22.50 4.52
N HIS C 129 10.77 23.09 5.62
CA HIS C 129 11.47 24.36 5.48
C HIS C 129 12.77 24.21 4.68
N ALA C 130 13.55 23.15 4.96
CA ALA C 130 14.78 22.99 4.19
C ALA C 130 14.49 22.79 2.70
N THR C 131 13.46 21.99 2.39
CA THR C 131 13.11 21.72 1.01
C THR C 131 12.63 22.99 0.33
N GLN C 132 11.78 23.75 1.00
CA GLN C 132 11.29 25.01 0.45
C GLN C 132 12.44 25.92 0.10
N LEU C 133 13.46 25.97 0.96
CA LEU C 133 14.58 26.86 0.74
C LEU C 133 15.51 26.38 -0.36
N CYS C 134 15.59 25.08 -0.59
CA CYS C 134 16.49 24.54 -1.59
C CYS C 134 15.89 24.40 -2.98
N LEU C 135 14.58 24.25 -3.09
CA LEU C 135 13.99 23.99 -4.40
C LEU C 135 14.22 25.10 -5.43
N PRO C 136 14.14 26.39 -5.10
CA PRO C 136 14.31 27.40 -6.17
C PRO C 136 15.63 27.30 -6.89
N SER C 137 16.72 27.12 -6.14
CA SER C 137 18.02 26.93 -6.77
C SER C 137 18.07 25.66 -7.62
N MET C 138 17.50 24.56 -7.11
CA MET C 138 17.55 23.33 -7.90
C MET C 138 16.78 23.50 -9.20
N ARG C 139 15.63 24.16 -9.15
CA ARG C 139 14.90 24.40 -10.39
C ARG C 139 15.71 25.25 -11.35
N GLN C 140 16.33 26.31 -10.83
CA GLN C 140 17.17 27.17 -11.66
C GLN C 140 18.25 26.34 -12.36
N ARG C 141 18.87 25.42 -11.62
CA ARG C 141 20.03 24.70 -12.11
C ARG C 141 19.68 23.44 -12.87
N GLY C 142 18.40 23.06 -12.90
CA GLY C 142 17.96 21.93 -13.68
C GLY C 142 18.25 20.58 -13.07
N TRP C 143 18.61 20.52 -11.80
CA TRP C 143 18.95 19.24 -11.17
C TRP C 143 18.75 19.31 -9.67
N GLY C 144 18.38 18.19 -9.07
CA GLY C 144 18.38 18.12 -7.61
C GLY C 144 17.98 16.75 -7.11
N ARG C 145 18.33 16.51 -5.85
CA ARG C 145 17.91 15.32 -5.14
C ARG C 145 17.50 15.72 -3.74
N ILE C 146 16.26 15.44 -3.38
CA ILE C 146 15.77 15.56 -2.01
CA ILE C 146 15.78 15.55 -2.02
C ILE C 146 15.58 14.13 -1.53
N ILE C 147 16.30 13.75 -0.49
CA ILE C 147 16.30 12.40 0.04
C ILE C 147 15.83 12.51 1.48
N ASN C 148 14.66 11.99 1.75
CA ASN C 148 14.06 12.09 3.07
C ASN C 148 14.27 10.77 3.79
N ILE C 149 14.87 10.81 4.98
CA ILE C 149 15.13 9.60 5.75
C ILE C 149 13.93 9.34 6.62
N ALA C 150 13.08 8.41 6.17
CA ALA C 150 11.86 7.99 6.84
C ALA C 150 12.24 6.76 7.66
N SER C 151 11.36 5.77 7.69
CA SER C 151 11.51 4.59 8.52
C SER C 151 10.50 3.57 8.02
N VAL C 152 10.71 2.30 8.37
CA VAL C 152 9.59 1.35 8.29
C VAL C 152 8.38 1.90 9.02
N GLN C 153 8.61 2.73 10.04
CA GLN C 153 7.52 3.27 10.83
C GLN C 153 6.76 4.35 10.09
N GLY C 154 7.19 4.72 8.89
CA GLY C 154 6.42 5.52 7.97
C GLY C 154 5.49 4.73 7.06
N LEU C 155 5.56 3.41 7.11
CA LEU C 155 4.73 2.52 6.32
C LEU C 155 3.82 1.64 7.14
N VAL C 156 4.23 1.29 8.39
CA VAL C 156 3.44 0.51 9.33
C VAL C 156 3.53 1.16 10.71
N GLY C 157 2.67 0.74 11.59
CA GLY C 157 2.68 1.17 12.96
C GLY C 157 3.46 0.24 13.86
N SER C 158 3.93 0.79 14.98
CA SER C 158 4.45 -0.02 16.07
C SER C 158 3.95 0.54 17.40
N MET C 159 3.70 -0.33 18.36
CA MET C 159 3.26 0.12 19.67
C MET C 159 4.25 1.11 20.26
N ASN C 160 3.71 2.13 20.93
CA ASN C 160 4.47 3.06 21.77
C ASN C 160 5.30 4.02 20.94
N LYS C 161 5.03 4.13 19.65
CA LYS C 161 5.77 5.01 18.79
C LYS C 161 4.81 5.87 17.99
N SER C 162 3.79 6.37 18.66
CA SER C 162 2.76 7.13 17.95
C SER C 162 3.30 8.38 17.26
N ALA C 163 4.06 9.21 17.97
CA ALA C 163 4.58 10.43 17.34
C ALA C 163 5.52 10.10 16.19
N TYR C 164 6.40 9.13 16.39
CA TYR C 164 7.38 8.80 15.38
C TYR C 164 6.71 8.21 14.13
N CYS C 165 5.77 7.29 14.32
CA CYS C 165 5.05 6.75 13.18
C CYS C 165 4.25 7.81 12.46
N ALA C 166 3.60 8.72 13.19
CA ALA C 166 2.87 9.79 12.53
C ALA C 166 3.82 10.70 11.74
N ALA C 167 4.96 11.08 12.33
CA ALA C 167 5.94 11.92 11.66
C ALA C 167 6.53 11.25 10.41
N LYS C 168 6.87 9.97 10.52
CA LYS C 168 7.49 9.28 9.39
C LYS C 168 6.49 9.00 8.27
N HIS C 169 5.24 8.67 8.62
CA HIS C 169 4.20 8.59 7.60
C HIS C 169 4.04 9.94 6.92
N GLY C 170 3.99 11.03 7.72
CA GLY C 170 3.87 12.35 7.14
C GLY C 170 5.01 12.68 6.18
N LEU C 171 6.23 12.29 6.55
CA LEU C 171 7.39 12.60 5.72
C LEU C 171 7.31 11.88 4.38
N ILE C 172 6.76 10.67 4.38
CA ILE C 172 6.54 9.96 3.11
C ILE C 172 5.46 10.66 2.26
N GLY C 173 4.39 11.13 2.90
CA GLY C 173 3.38 11.90 2.16
C GLY C 173 3.97 13.17 1.55
N PHE C 174 4.75 13.90 2.34
CA PHE C 174 5.42 15.08 1.84
C PHE C 174 6.28 14.74 0.64
N THR C 175 7.04 13.64 0.74
CA THR C 175 7.92 13.17 -0.33
C THR C 175 7.15 13.01 -1.64
N LYS C 176 5.97 12.40 -1.55
CA LYS C 176 5.20 12.20 -2.77
C LYS C 176 4.83 13.53 -3.40
N VAL C 177 4.39 14.48 -2.59
CA VAL C 177 3.95 15.76 -3.15
C VAL C 177 5.12 16.49 -3.83
N VAL C 178 6.27 16.58 -3.15
CA VAL C 178 7.43 17.27 -3.72
C VAL C 178 7.83 16.60 -5.04
N ALA C 179 7.84 15.27 -5.06
CA ALA C 179 8.14 14.55 -6.31
C ALA C 179 7.14 14.90 -7.43
N LEU C 180 5.86 15.01 -7.10
CA LEU C 180 4.88 15.29 -8.14
C LEU C 180 5.03 16.72 -8.67
N GLU C 181 5.33 17.66 -7.77
CA GLU C 181 5.50 19.06 -8.16
C GLU C 181 6.76 19.29 -8.99
N THR C 182 7.71 18.36 -8.96
CA THR C 182 8.97 18.43 -9.70
C THR C 182 9.08 17.34 -10.77
N ALA C 183 7.99 16.61 -11.07
CA ALA C 183 8.12 15.40 -11.90
C ALA C 183 8.67 15.66 -13.30
N THR C 184 8.46 16.85 -13.86
CA THR C 184 8.93 17.14 -15.22
C THR C 184 10.28 17.84 -15.23
N THR C 185 10.97 17.85 -14.10
CA THR C 185 12.28 18.48 -13.98
C THR C 185 13.36 17.44 -13.70
N GLY C 186 14.61 17.93 -13.67
CA GLY C 186 15.74 17.15 -13.19
C GLY C 186 15.84 16.98 -11.69
N ILE C 187 14.80 17.36 -10.94
CA ILE C 187 14.76 17.23 -9.49
C ILE C 187 13.93 16.02 -9.14
N THR C 188 14.45 15.14 -8.29
CA THR C 188 13.66 14.04 -7.76
C THR C 188 13.60 14.15 -6.24
N CYS C 189 12.52 13.61 -5.65
CA CYS C 189 12.35 13.54 -4.19
C CYS C 189 11.89 12.13 -3.88
N ASN C 190 12.58 11.47 -2.94
CA ASN C 190 12.27 10.09 -2.55
C ASN C 190 12.58 9.92 -1.07
N ALA C 191 12.13 8.79 -0.51
CA ALA C 191 12.36 8.51 0.89
C ALA C 191 13.08 7.16 1.02
N ILE C 192 13.91 7.05 2.04
CA ILE C 192 14.50 5.79 2.46
C ILE C 192 13.85 5.36 3.77
N CYS C 193 13.51 4.08 3.87
CA CYS C 193 12.79 3.54 5.02
C CYS C 193 13.60 2.45 5.69
N PRO C 194 14.47 2.80 6.63
CA PRO C 194 15.25 1.79 7.33
C PRO C 194 14.42 1.06 8.38
N GLY C 195 14.76 -0.21 8.55
CA GLY C 195 14.38 -1.01 9.72
C GLY C 195 15.26 -0.66 10.89
N TYR C 196 15.45 -1.63 11.77
CA TYR C 196 16.31 -1.44 12.92
C TYR C 196 17.78 -1.35 12.50
N VAL C 197 18.43 -0.26 12.93
CA VAL C 197 19.86 -0.02 12.74
C VAL C 197 20.49 0.00 14.13
N TYR C 198 21.70 -0.54 14.26
CA TYR C 198 22.32 -0.58 15.57
C TYR C 198 22.75 0.84 15.94
N THR C 199 22.13 1.39 16.99
CA THR C 199 22.37 2.75 17.46
C THR C 199 22.32 2.74 18.97
N PRO C 200 22.82 3.79 19.62
CA PRO C 200 22.80 3.81 21.10
C PRO C 200 21.41 3.64 21.70
N LEU C 201 20.38 4.26 21.12
CA LEU C 201 19.03 4.08 21.65
C LEU C 201 18.63 2.61 21.65
N VAL C 202 18.76 1.96 20.48
CA VAL C 202 18.41 0.55 20.36
C VAL C 202 19.23 -0.28 21.33
N GLU C 203 20.50 0.09 21.54
CA GLU C 203 21.34 -0.63 22.48
C GLU C 203 20.80 -0.49 23.90
N GLU C 204 20.32 0.70 24.27
CA GLU C 204 19.78 0.90 25.60
C GLU C 204 18.50 0.08 25.80
N GLN C 205 17.63 0.05 24.79
CA GLN C 205 16.41 -0.74 24.91
C GLN C 205 16.74 -2.21 25.18
N ILE C 206 17.76 -2.74 24.53
CA ILE C 206 18.15 -4.13 24.67
C ILE C 206 18.98 -4.31 25.94
N ALA C 220 22.84 -12.42 22.42
CA ALA C 220 21.98 -12.30 23.59
C ALA C 220 20.57 -11.80 23.19
N ALA C 221 19.95 -11.00 24.06
CA ALA C 221 18.57 -10.54 23.86
C ALA C 221 18.41 -9.60 22.67
N THR C 222 19.52 -9.32 21.98
CA THR C 222 19.41 -8.73 20.64
C THR C 222 18.46 -9.56 19.79
N GLN C 223 18.54 -10.89 19.92
CA GLN C 223 17.72 -11.77 19.09
C GLN C 223 16.24 -11.59 19.37
N ALA C 224 15.86 -11.41 20.64
CA ALA C 224 14.44 -11.20 20.95
C ALA C 224 13.96 -9.86 20.41
N PHE C 225 14.78 -8.82 20.57
CA PHE C 225 14.44 -7.51 20.03
C PHE C 225 14.23 -7.58 18.53
N LEU C 226 15.16 -8.20 17.81
CA LEU C 226 15.05 -8.26 16.35
C LEU C 226 13.93 -9.18 15.91
N CYS C 227 13.76 -10.32 16.60
CA CYS C 227 12.85 -11.36 16.13
C CYS C 227 11.43 -10.84 16.00
N GLU C 228 11.05 -9.87 16.82
CA GLU C 228 9.67 -9.39 16.81
C GLU C 228 9.31 -8.75 15.48
N LYS C 229 10.25 -8.03 14.88
CA LYS C 229 9.95 -7.12 13.78
C LYS C 229 10.73 -7.37 12.50
N GLN C 230 11.92 -7.95 12.58
CA GLN C 230 12.91 -7.90 11.50
C GLN C 230 13.33 -9.31 11.14
N PRO C 231 12.67 -9.93 10.15
CA PRO C 231 12.86 -11.36 9.89
C PRO C 231 14.28 -11.77 9.60
N ALA C 232 15.12 -10.88 9.08
CA ALA C 232 16.50 -11.25 8.82
C ALA C 232 17.25 -11.57 10.11
N LYS C 233 16.75 -11.12 11.27
CA LYS C 233 17.40 -11.37 12.56
C LYS C 233 18.81 -10.81 12.59
N ALA C 234 18.98 -9.70 11.90
CA ALA C 234 20.22 -8.95 11.85
C ALA C 234 19.85 -7.49 11.69
N PHE C 235 20.78 -6.63 12.08
CA PHE C 235 20.61 -5.19 11.96
C PHE C 235 20.90 -4.73 10.52
N VAL C 236 20.18 -3.68 10.11
CA VAL C 236 20.60 -2.87 8.98
C VAL C 236 21.76 -2.02 9.45
N THR C 237 22.73 -1.76 8.56
CA THR C 237 23.87 -0.91 8.91
C THR C 237 23.69 0.51 8.36
N VAL C 238 24.38 1.47 9.01
CA VAL C 238 24.31 2.84 8.52
C VAL C 238 24.91 2.93 7.13
N GLU C 239 25.90 2.07 6.82
CA GLU C 239 26.43 2.02 5.47
C GLU C 239 25.38 1.62 4.46
N GLN C 240 24.51 0.68 4.80
CA GLN C 240 23.48 0.27 3.84
C GLN C 240 22.48 1.39 3.58
N VAL C 241 22.10 2.12 4.63
CA VAL C 241 21.22 3.28 4.41
C VAL C 241 21.91 4.31 3.52
N GLY C 242 23.19 4.55 3.78
CA GLY C 242 23.96 5.46 2.94
C GLY C 242 24.01 5.01 1.50
N ASP C 243 24.20 3.70 1.28
CA ASP C 243 24.24 3.14 -0.08
C ASP C 243 22.92 3.41 -0.80
N ALA C 244 21.80 3.32 -0.08
CA ALA C 244 20.49 3.65 -0.69
C ALA C 244 20.44 5.12 -1.10
N ALA C 245 21.00 5.99 -0.26
CA ALA C 245 21.03 7.41 -0.64
C ALA C 245 21.89 7.63 -1.87
N VAL C 246 23.05 6.99 -1.93
CA VAL C 246 23.90 7.12 -3.12
C VAL C 246 23.14 6.66 -4.37
N PHE C 247 22.45 5.53 -4.29
CA PHE C 247 21.68 5.06 -5.44
C PHE C 247 20.64 6.09 -5.86
N LEU C 248 19.89 6.63 -4.91
CA LEU C 248 18.88 7.62 -5.26
C LEU C 248 19.50 8.86 -5.87
N ALA C 249 20.73 9.18 -5.51
CA ALA C 249 21.37 10.39 -6.03
C ALA C 249 22.04 10.18 -7.39
N SER C 250 22.16 8.94 -7.85
CA SER C 250 22.87 8.55 -9.06
C SER C 250 22.02 8.82 -10.30
N PRO C 251 22.65 8.87 -11.48
CA PRO C 251 21.88 9.13 -12.71
C PRO C 251 20.90 8.02 -13.04
N GLY C 252 21.20 6.78 -12.62
CA GLY C 252 20.29 5.68 -12.83
C GLY C 252 18.96 5.84 -12.12
N ALA C 253 18.87 6.78 -11.18
CA ALA C 253 17.64 7.07 -10.44
C ALA C 253 16.91 8.31 -10.94
N ASP C 254 17.20 8.76 -12.16
CA ASP C 254 16.60 9.97 -12.71
C ASP C 254 15.09 9.90 -12.77
N MET C 255 14.54 8.70 -12.98
CA MET C 255 13.10 8.57 -13.10
C MET C 255 12.49 7.84 -11.89
N ILE C 256 13.23 7.72 -10.79
CA ILE C 256 12.69 7.27 -9.51
C ILE C 256 12.18 8.50 -8.78
N ARG C 257 10.86 8.59 -8.60
CA ARG C 257 10.24 9.84 -8.14
C ARG C 257 9.09 9.52 -7.20
N GLY C 258 9.16 10.05 -5.98
CA GLY C 258 8.06 9.96 -5.04
C GLY C 258 7.89 8.61 -4.41
N THR C 259 8.95 7.82 -4.33
CA THR C 259 8.84 6.47 -3.82
C THR C 259 9.71 6.26 -2.58
N THR C 260 9.61 5.06 -2.00
CA THR C 260 10.36 4.61 -0.84
C THR C 260 11.36 3.54 -1.28
N ILE C 261 12.57 3.59 -0.75
CA ILE C 261 13.52 2.50 -0.79
C ILE C 261 13.56 1.95 0.63
N THR C 262 13.01 0.77 0.82
CA THR C 262 12.90 0.18 2.16
C THR C 262 14.09 -0.78 2.36
N VAL C 263 14.84 -0.54 3.42
CA VAL C 263 16.04 -1.30 3.76
C VAL C 263 15.79 -1.83 5.17
N ASP C 264 15.15 -3.01 5.27
CA ASP C 264 14.58 -3.42 6.54
C ASP C 264 14.62 -4.91 6.85
N GLY C 265 15.41 -5.71 6.15
CA GLY C 265 15.50 -7.12 6.46
C GLY C 265 14.18 -7.86 6.41
N GLY C 266 13.20 -7.34 5.67
CA GLY C 266 11.94 -8.03 5.51
C GLY C 266 10.80 -7.54 6.38
N TRP C 267 10.99 -6.49 7.18
CA TRP C 267 9.98 -6.06 8.13
C TRP C 267 8.63 -5.82 7.48
N VAL C 268 8.61 -5.05 6.37
CA VAL C 268 7.33 -4.64 5.77
C VAL C 268 6.81 -5.70 4.82
N ALA C 269 7.66 -6.64 4.41
CA ALA C 269 7.22 -7.73 3.55
C ALA C 269 6.25 -8.66 4.25
N GLN C 270 6.33 -8.78 5.59
CA GLN C 270 5.38 -9.58 6.32
C GLN C 270 4.34 -8.68 7.01
N LYS D 9 34.38 0.11 -11.55
CA LYS D 9 33.62 -0.31 -10.38
C LYS D 9 32.63 -1.42 -10.75
N ARG D 10 33.15 -2.62 -10.95
CA ARG D 10 32.35 -3.76 -11.41
C ARG D 10 31.93 -4.57 -10.19
N VAL D 11 30.80 -4.16 -9.61
CA VAL D 11 30.37 -4.68 -8.32
C VAL D 11 29.86 -6.11 -8.39
N LEU D 12 29.62 -6.65 -9.59
CA LEU D 12 29.10 -8.01 -9.76
C LEU D 12 30.13 -8.97 -10.37
N SER D 13 31.40 -8.59 -10.39
CA SER D 13 32.46 -9.46 -10.91
C SER D 13 32.44 -10.80 -10.18
N GLY D 14 32.49 -11.88 -10.95
CA GLY D 14 32.49 -13.22 -10.41
C GLY D 14 31.12 -13.89 -10.38
N ARG D 15 30.03 -13.12 -10.47
CA ARG D 15 28.70 -13.68 -10.32
C ARG D 15 28.11 -14.10 -11.67
N VAL D 16 27.34 -15.19 -11.64
CA VAL D 16 26.66 -15.71 -12.83
C VAL D 16 25.20 -15.34 -12.74
N ALA D 17 24.69 -14.73 -13.81
CA ALA D 17 23.31 -14.29 -13.86
C ALA D 17 22.58 -14.99 -15.00
N VAL D 18 21.31 -15.28 -14.77
CA VAL D 18 20.38 -15.77 -15.79
C VAL D 18 19.26 -14.75 -15.86
N VAL D 19 19.03 -14.20 -17.05
CA VAL D 19 17.92 -13.30 -17.29
C VAL D 19 16.96 -13.99 -18.27
N THR D 20 15.71 -14.17 -17.87
CA THR D 20 14.72 -14.76 -18.77
C THR D 20 14.10 -13.68 -19.63
N GLY D 21 13.71 -14.06 -20.85
CA GLY D 21 13.14 -13.11 -21.79
C GLY D 21 14.03 -11.89 -21.99
N SER D 22 15.27 -12.12 -22.41
CA SER D 22 16.29 -11.09 -22.36
C SER D 22 16.90 -10.74 -23.71
N ARG D 23 16.28 -11.14 -24.82
CA ARG D 23 16.81 -10.77 -26.12
C ARG D 23 16.19 -9.48 -26.66
N LYS D 24 15.25 -8.87 -25.94
CA LYS D 24 14.62 -7.63 -26.36
C LYS D 24 14.22 -6.82 -25.14
N GLY D 25 14.10 -5.51 -25.35
CA GLY D 25 13.46 -4.65 -24.37
C GLY D 25 14.10 -4.68 -23.00
N ILE D 26 13.25 -4.78 -21.98
CA ILE D 26 13.68 -4.62 -20.61
C ILE D 26 14.68 -5.70 -20.24
N GLY D 27 14.39 -6.95 -20.60
CA GLY D 27 15.32 -8.03 -20.30
C GLY D 27 16.70 -7.77 -20.87
N LEU D 28 16.76 -7.29 -22.11
CA LEU D 28 18.05 -7.01 -22.71
C LEU D 28 18.76 -5.87 -21.99
N GLY D 29 18.02 -4.83 -21.63
CA GLY D 29 18.63 -3.73 -20.88
C GLY D 29 19.20 -4.19 -19.56
N ILE D 30 18.46 -5.06 -18.87
CA ILE D 30 18.92 -5.59 -17.59
C ILE D 30 20.18 -6.42 -17.80
N ALA D 31 20.17 -7.28 -18.82
CA ALA D 31 21.34 -8.12 -19.07
C ALA D 31 22.56 -7.28 -19.40
N MET D 32 22.35 -6.22 -20.19
CA MET D 32 23.45 -5.32 -20.52
C MET D 32 24.02 -4.68 -19.26
N ARG D 33 23.14 -4.16 -18.38
CA ARG D 33 23.65 -3.49 -17.19
C ARG D 33 24.32 -4.47 -16.23
N LEU D 34 23.80 -5.71 -16.13
CA LEU D 34 24.47 -6.71 -15.30
C LEU D 34 25.87 -7.01 -15.84
N ALA D 35 26.00 -7.18 -17.16
CA ALA D 35 27.31 -7.45 -17.74
C ALA D 35 28.26 -6.28 -17.52
N MET D 36 27.76 -5.05 -17.76
CA MET D 36 28.56 -3.85 -17.52
C MET D 36 29.09 -3.83 -16.08
N ALA D 37 28.27 -4.27 -15.12
CA ALA D 37 28.67 -4.35 -13.72
C ALA D 37 29.55 -5.56 -13.44
N GLY D 38 29.85 -6.39 -14.44
CA GLY D 38 30.84 -7.44 -14.31
C GLY D 38 30.29 -8.85 -14.24
N ALA D 39 28.98 -9.05 -14.33
CA ALA D 39 28.39 -10.38 -14.25
C ALA D 39 28.52 -11.12 -15.57
N ASP D 40 28.77 -12.43 -15.47
CA ASP D 40 28.56 -13.33 -16.58
C ASP D 40 27.05 -13.54 -16.72
N VAL D 41 26.57 -13.65 -17.95
CA VAL D 41 25.14 -13.57 -18.20
C VAL D 41 24.72 -14.64 -19.18
N VAL D 42 23.56 -15.25 -18.91
CA VAL D 42 22.90 -16.17 -19.82
C VAL D 42 21.63 -15.48 -20.28
N LEU D 43 21.53 -15.24 -21.59
CA LEU D 43 20.33 -14.69 -22.20
C LEU D 43 19.38 -15.83 -22.52
N ASN D 44 18.09 -15.52 -22.57
CA ASN D 44 17.09 -16.54 -22.85
C ASN D 44 15.94 -15.97 -23.66
N GLY D 45 15.41 -16.80 -24.56
CA GLY D 45 14.20 -16.49 -25.30
C GLY D 45 13.49 -17.78 -25.66
N PHE D 46 12.26 -17.65 -26.17
CA PHE D 46 11.45 -18.83 -26.45
C PHE D 46 12.12 -19.74 -27.49
N ARG D 47 12.48 -19.18 -28.64
CA ARG D 47 13.03 -19.94 -29.74
C ARG D 47 14.33 -19.29 -30.21
N GLN D 48 15.25 -20.11 -30.73
CA GLN D 48 16.53 -19.59 -31.18
C GLN D 48 16.35 -18.70 -32.41
N SER D 49 17.28 -17.77 -32.59
CA SER D 49 17.25 -16.82 -33.68
C SER D 49 18.62 -16.71 -34.34
N PRO D 50 18.66 -16.49 -35.66
CA PRO D 50 19.97 -16.26 -36.30
C PRO D 50 20.64 -14.99 -35.83
N GLU D 51 19.85 -13.98 -35.45
CA GLU D 51 20.39 -12.72 -34.94
C GLU D 51 20.89 -12.85 -33.51
N ASP D 52 20.56 -13.96 -32.83
CA ASP D 52 21.09 -14.19 -31.48
C ASP D 52 22.54 -13.76 -31.38
N SER D 53 23.39 -14.29 -32.27
CA SER D 53 24.81 -14.00 -32.24
C SER D 53 25.06 -12.50 -32.04
N ALA D 54 24.52 -11.68 -32.95
CA ALA D 54 24.77 -10.25 -32.86
C ALA D 54 24.41 -9.73 -31.48
N ILE D 55 23.20 -10.05 -31.00
CA ILE D 55 22.78 -9.60 -29.69
C ILE D 55 23.79 -10.04 -28.64
N VAL D 56 24.16 -11.33 -28.66
CA VAL D 56 25.12 -11.84 -27.70
C VAL D 56 26.39 -11.00 -27.76
N GLU D 57 26.87 -10.74 -28.98
CA GLU D 57 28.10 -9.97 -29.13
C GLU D 57 28.02 -8.67 -28.34
N LYS D 58 26.90 -7.95 -28.49
CA LYS D 58 26.75 -6.67 -27.80
C LYS D 58 26.99 -6.84 -26.31
N VAL D 59 26.33 -7.81 -25.69
CA VAL D 59 26.49 -8.02 -24.25
C VAL D 59 27.95 -8.34 -23.94
N ALA D 60 28.55 -9.22 -24.74
CA ALA D 60 29.93 -9.63 -24.51
C ALA D 60 30.91 -8.48 -24.71
N ALA D 61 30.46 -7.36 -25.28
CA ALA D 61 31.35 -6.22 -25.41
C ALA D 61 31.87 -5.77 -24.07
N TYR D 62 31.18 -6.11 -22.97
CA TYR D 62 31.62 -5.67 -21.65
C TYR D 62 32.65 -6.61 -21.03
N GLY D 63 33.08 -7.63 -21.76
CA GLY D 63 34.22 -8.42 -21.33
C GLY D 63 33.93 -9.52 -20.34
N THR D 64 32.66 -9.89 -20.14
CA THR D 64 32.30 -11.01 -19.29
C THR D 64 31.89 -12.18 -20.18
N ARG D 65 31.66 -13.32 -19.54
CA ARG D 65 31.21 -14.49 -20.29
C ARG D 65 29.71 -14.41 -20.51
N VAL D 66 29.31 -14.55 -21.77
CA VAL D 66 27.90 -14.42 -22.15
C VAL D 66 27.51 -15.67 -22.93
N ARG D 67 26.33 -16.20 -22.61
CA ARG D 67 25.79 -17.35 -23.32
C ARG D 67 24.34 -17.06 -23.68
N CYS D 68 23.79 -17.89 -24.55
CA CYS D 68 22.39 -17.80 -24.95
C CYS D 68 21.76 -19.18 -24.85
N PHE D 69 20.49 -19.24 -24.43
CA PHE D 69 19.80 -20.51 -24.34
C PHE D 69 18.31 -20.30 -24.62
N ALA D 70 17.78 -21.09 -25.54
CA ALA D 70 16.38 -20.99 -25.92
C ALA D 70 15.58 -21.97 -25.09
N ALA D 71 14.69 -21.46 -24.25
CA ALA D 71 13.83 -22.30 -23.44
C ALA D 71 12.45 -21.66 -23.39
N ASN D 72 11.44 -22.47 -23.62
CA ASN D 72 10.05 -22.07 -23.38
C ASN D 72 9.82 -22.09 -21.87
N MET D 73 9.75 -20.90 -21.27
CA MET D 73 9.64 -20.79 -19.82
C MET D 73 8.33 -21.34 -19.27
N LYS D 74 7.35 -21.62 -20.13
CA LYS D 74 6.12 -22.26 -19.66
C LYS D 74 6.28 -23.77 -19.47
N ASP D 75 7.40 -24.34 -19.88
CA ASP D 75 7.65 -25.77 -19.75
C ASP D 75 8.71 -25.98 -18.67
N ARG D 76 8.30 -26.59 -17.56
CA ARG D 76 9.20 -26.73 -16.42
C ARG D 76 10.47 -27.49 -16.79
N ALA D 77 10.34 -28.49 -17.67
CA ALA D 77 11.50 -29.28 -18.08
C ALA D 77 12.51 -28.40 -18.82
N GLN D 78 12.03 -27.45 -19.63
CA GLN D 78 12.95 -26.52 -20.27
C GLN D 78 13.53 -25.50 -19.29
N VAL D 79 12.78 -25.10 -18.26
CA VAL D 79 13.38 -24.23 -17.25
C VAL D 79 14.54 -24.95 -16.57
N GLU D 80 14.32 -26.23 -16.24
CA GLU D 80 15.38 -27.05 -15.68
C GLU D 80 16.55 -27.16 -16.64
N ALA D 81 16.28 -27.33 -17.93
CA ALA D 81 17.36 -27.39 -18.92
C ALA D 81 18.16 -26.09 -18.94
N LEU D 82 17.49 -24.94 -18.82
CA LEU D 82 18.18 -23.65 -18.79
C LEU D 82 19.11 -23.57 -17.60
N ILE D 83 18.63 -23.96 -16.42
CA ILE D 83 19.48 -23.90 -15.23
C ILE D 83 20.67 -24.85 -15.35
N LYS D 84 20.43 -26.08 -15.82
CA LYS D 84 21.53 -27.03 -15.96
C LYS D 84 22.53 -26.58 -17.02
N PHE D 85 22.04 -25.98 -18.11
CA PHE D 85 22.93 -25.42 -19.12
C PHE D 85 23.81 -24.35 -18.52
N THR D 86 23.23 -23.45 -17.72
CA THR D 86 24.04 -22.41 -17.09
C THR D 86 25.09 -23.02 -16.16
N GLU D 87 24.69 -24.00 -15.36
CA GLU D 87 25.61 -24.64 -14.43
C GLU D 87 26.77 -25.30 -15.16
N LYS D 88 26.49 -25.91 -16.31
CA LYS D 88 27.55 -26.57 -17.07
C LYS D 88 28.45 -25.56 -17.76
N GLU D 89 27.86 -24.50 -18.31
CA GLU D 89 28.61 -23.54 -19.12
C GLU D 89 29.38 -22.54 -18.27
N LEU D 90 28.73 -21.96 -17.27
CA LEU D 90 29.32 -20.88 -16.51
C LEU D 90 29.52 -21.21 -15.03
N GLY D 91 28.64 -21.99 -14.43
CA GLY D 91 28.67 -22.30 -13.01
C GLY D 91 27.32 -22.04 -12.38
N ALA D 92 27.28 -22.13 -11.06
CA ALA D 92 26.01 -22.07 -10.35
C ALA D 92 25.30 -20.74 -10.59
N VAL D 93 23.98 -20.79 -10.73
CA VAL D 93 23.21 -19.57 -10.91
C VAL D 93 23.18 -18.82 -9.58
N GLU D 94 23.69 -17.58 -9.60
CA GLU D 94 23.74 -16.74 -8.42
C GLU D 94 22.78 -15.58 -8.47
N ILE D 95 22.50 -15.05 -9.66
CA ILE D 95 21.53 -13.99 -9.85
C ILE D 95 20.49 -14.50 -10.83
N LEU D 96 19.25 -14.59 -10.40
CA LEU D 96 18.14 -14.98 -11.26
C LEU D 96 17.25 -13.75 -11.46
N VAL D 97 17.09 -13.32 -12.70
CA VAL D 97 16.17 -12.25 -13.04
C VAL D 97 14.98 -12.87 -13.75
N ASN D 98 13.82 -12.89 -13.11
CA ASN D 98 12.59 -13.40 -13.71
C ASN D 98 11.92 -12.25 -14.44
N ASN D 99 11.90 -12.32 -15.77
CA ASN D 99 11.36 -11.26 -16.62
C ASN D 99 10.51 -11.90 -17.70
N ALA D 100 9.21 -11.60 -17.71
CA ALA D 100 8.26 -12.26 -18.63
C ALA D 100 8.02 -11.47 -19.91
N GLY D 101 7.62 -10.20 -19.80
CA GLY D 101 7.49 -9.33 -20.96
C GLY D 101 6.43 -9.66 -21.98
N ILE D 102 5.21 -10.00 -21.52
CA ILE D 102 4.07 -10.18 -22.41
C ILE D 102 2.89 -9.36 -21.91
N GLN D 103 1.99 -9.01 -22.83
CA GLN D 103 0.87 -8.12 -22.51
C GLN D 103 -0.27 -8.43 -23.47
N HIS D 104 -1.49 -8.20 -23.01
CA HIS D 104 -2.67 -8.21 -23.88
C HIS D 104 -3.67 -7.21 -23.32
N VAL D 105 -4.07 -6.23 -24.12
CA VAL D 105 -4.97 -5.17 -23.68
C VAL D 105 -6.38 -5.55 -24.15
N SER D 106 -7.31 -5.65 -23.21
CA SER D 106 -8.71 -5.94 -23.51
C SER D 106 -9.60 -5.69 -22.30
N PRO D 107 -10.84 -5.23 -22.48
CA PRO D 107 -11.77 -5.23 -21.34
C PRO D 107 -11.98 -6.65 -20.79
N VAL D 108 -12.41 -6.70 -19.54
CA VAL D 108 -12.57 -8.00 -18.88
C VAL D 108 -13.55 -8.89 -19.62
N GLU D 109 -14.69 -8.34 -20.04
CA GLU D 109 -15.74 -9.20 -20.61
C GLU D 109 -15.26 -9.99 -21.82
N THR D 110 -14.40 -9.39 -22.64
CA THR D 110 -13.93 -10.03 -23.86
C THR D 110 -12.49 -10.54 -23.74
N PHE D 111 -11.92 -10.55 -22.55
CA PHE D 111 -10.53 -10.94 -22.41
C PHE D 111 -10.38 -12.42 -22.75
N PRO D 112 -9.57 -12.79 -23.75
CA PRO D 112 -9.50 -14.21 -24.14
C PRO D 112 -8.94 -15.07 -23.02
N SER D 113 -9.59 -16.22 -22.81
CA SER D 113 -9.17 -17.12 -21.73
C SER D 113 -7.73 -17.57 -21.92
N ASP D 114 -7.35 -17.87 -23.17
CA ASP D 114 -6.00 -18.36 -23.44
C ASP D 114 -4.95 -17.28 -23.15
N LYS D 115 -5.26 -16.03 -23.47
CA LYS D 115 -4.32 -14.94 -23.17
C LYS D 115 -4.20 -14.74 -21.66
N TRP D 116 -5.32 -14.82 -20.93
CA TRP D 116 -5.27 -14.77 -19.47
C TRP D 116 -4.34 -15.84 -18.93
N ASP D 117 -4.54 -17.09 -19.37
CA ASP D 117 -3.74 -18.20 -18.87
C ASP D 117 -2.26 -17.99 -19.20
N GLU D 118 -1.96 -17.53 -20.42
CA GLU D 118 -0.57 -17.37 -20.82
C GLU D 118 0.11 -16.28 -20.00
N ILE D 119 -0.60 -15.16 -19.74
CA ILE D 119 -0.02 -14.09 -18.94
C ILE D 119 0.24 -14.56 -17.51
N ILE D 120 -0.73 -15.28 -16.92
CA ILE D 120 -0.50 -15.82 -15.58
C ILE D 120 0.68 -16.79 -15.59
N ALA D 121 0.75 -17.66 -16.60
CA ALA D 121 1.74 -18.72 -16.61
C ALA D 121 3.16 -18.16 -16.74
N LEU D 122 3.36 -17.22 -17.65
CA LEU D 122 4.72 -16.73 -17.89
C LEU D 122 5.15 -15.73 -16.84
N ASN D 123 4.23 -14.86 -16.38
CA ASN D 123 4.62 -13.85 -15.39
C ASN D 123 4.85 -14.47 -14.02
N LEU D 124 4.04 -15.45 -13.64
CA LEU D 124 3.95 -15.90 -12.26
C LEU D 124 4.43 -17.33 -12.09
N THR D 125 3.87 -18.29 -12.81
CA THR D 125 4.25 -19.67 -12.57
C THR D 125 5.66 -19.97 -13.05
N SER D 126 6.08 -19.31 -14.13
CA SER D 126 7.44 -19.52 -14.63
C SER D 126 8.47 -19.02 -13.61
N ALA D 127 8.19 -17.88 -12.98
CA ALA D 127 9.11 -17.36 -11.96
C ALA D 127 9.17 -18.29 -10.76
N PHE D 128 8.01 -18.84 -10.36
CA PHE D 128 7.96 -19.88 -9.34
C PHE D 128 8.85 -21.07 -9.70
N HIS D 129 8.72 -21.62 -10.90
CA HIS D 129 9.52 -22.79 -11.24
C HIS D 129 11.01 -22.47 -11.27
N ALA D 130 11.39 -21.35 -11.89
CA ALA D 130 12.81 -21.00 -11.97
C ALA D 130 13.40 -20.77 -10.58
N THR D 131 12.64 -20.11 -9.70
CA THR D 131 13.09 -19.87 -8.33
C THR D 131 13.24 -21.19 -7.58
N GLN D 132 12.26 -22.08 -7.74
CA GLN D 132 12.36 -23.41 -7.15
C GLN D 132 13.66 -24.08 -7.55
N LEU D 133 14.01 -23.96 -8.84
CA LEU D 133 15.15 -24.69 -9.36
C LEU D 133 16.46 -24.05 -8.93
N CYS D 134 16.47 -22.75 -8.64
CA CYS D 134 17.71 -22.07 -8.29
C CYS D 134 18.01 -22.01 -6.80
N LEU D 135 16.98 -22.08 -5.96
CA LEU D 135 17.20 -21.88 -4.53
C LEU D 135 18.10 -22.92 -3.88
N PRO D 136 18.00 -24.23 -4.19
CA PRO D 136 18.88 -25.18 -3.48
C PRO D 136 20.36 -24.82 -3.58
N SER D 137 20.83 -24.50 -4.79
CA SER D 137 22.23 -24.16 -4.95
C SER D 137 22.55 -22.88 -4.20
N MET D 138 21.61 -21.91 -4.18
CA MET D 138 22.00 -20.65 -3.55
C MET D 138 22.03 -20.81 -2.03
N ARG D 139 21.15 -21.65 -1.46
CA ARG D 139 21.23 -21.97 -0.04
C ARG D 139 22.54 -22.69 0.28
N GLN D 140 22.93 -23.67 -0.55
CA GLN D 140 24.17 -24.40 -0.31
C GLN D 140 25.38 -23.46 -0.32
N ARG D 141 25.38 -22.49 -1.23
CA ARG D 141 26.50 -21.56 -1.33
C ARG D 141 26.39 -20.41 -0.34
N GLY D 142 25.17 -20.10 0.11
CA GLY D 142 24.97 -19.06 1.09
C GLY D 142 24.83 -17.68 0.51
N TRP D 143 24.53 -17.57 -0.79
CA TRP D 143 24.37 -16.27 -1.43
C TRP D 143 23.40 -16.41 -2.60
N GLY D 144 22.62 -15.37 -2.83
CA GLY D 144 21.80 -15.33 -4.02
C GLY D 144 21.03 -14.03 -4.15
N ARG D 145 20.60 -13.77 -5.39
CA ARG D 145 19.74 -12.64 -5.72
C ARG D 145 18.66 -13.16 -6.65
N ILE D 146 17.41 -13.02 -6.26
CA ILE D 146 16.28 -13.29 -7.14
C ILE D 146 15.61 -11.93 -7.34
N ILE D 147 15.54 -11.49 -8.59
CA ILE D 147 15.06 -10.16 -8.95
C ILE D 147 13.90 -10.38 -9.92
N ASN D 148 12.70 -10.07 -9.44
CA ASN D 148 11.48 -10.28 -10.21
C ASN D 148 11.08 -8.96 -10.86
N ILE D 149 10.92 -8.95 -12.18
CA ILE D 149 10.51 -7.75 -12.91
C ILE D 149 8.98 -7.71 -12.96
N ALA D 150 8.41 -6.94 -12.03
CA ALA D 150 6.99 -6.69 -11.86
C ALA D 150 6.67 -5.46 -12.70
N SER D 151 5.85 -4.55 -12.17
CA SER D 151 5.34 -3.39 -12.89
C SER D 151 4.65 -2.51 -11.84
N VAL D 152 4.46 -1.24 -12.18
CA VAL D 152 3.49 -0.42 -11.46
C VAL D 152 2.15 -1.14 -11.42
N GLN D 153 1.85 -1.93 -12.46
CA GLN D 153 0.59 -2.67 -12.54
C GLN D 153 0.53 -3.82 -11.54
N GLY D 154 1.62 -4.05 -10.79
CA GLY D 154 1.59 -4.91 -9.65
C GLY D 154 1.25 -4.22 -8.36
N LEU D 155 1.13 -2.90 -8.39
CA LEU D 155 0.80 -2.10 -7.21
C LEU D 155 -0.52 -1.37 -7.33
N VAL D 156 -0.95 -1.05 -8.55
CA VAL D 156 -2.21 -0.40 -8.83
C VAL D 156 -2.84 -1.11 -10.03
N GLY D 157 -4.10 -0.78 -10.28
CA GLY D 157 -4.79 -1.30 -11.43
C GLY D 157 -4.81 -0.32 -12.59
N SER D 158 -4.95 -0.85 -13.80
CA SER D 158 -5.25 -0.03 -14.97
C SER D 158 -6.31 -0.71 -15.82
N MET D 159 -7.13 0.10 -16.45
CA MET D 159 -8.22 -0.40 -17.28
C MET D 159 -7.66 -1.28 -18.40
N ASN D 160 -8.38 -2.37 -18.70
CA ASN D 160 -8.11 -3.25 -19.83
C ASN D 160 -6.84 -4.06 -19.69
N LYS D 161 -6.30 -4.17 -18.47
CA LYS D 161 -5.10 -4.95 -18.21
C LYS D 161 -5.31 -5.89 -17.04
N SER D 162 -6.49 -6.53 -17.00
CA SER D 162 -6.85 -7.37 -15.85
C SER D 162 -5.84 -8.49 -15.64
N ALA D 163 -5.49 -9.23 -16.70
CA ALA D 163 -4.58 -10.36 -16.54
C ALA D 163 -3.19 -9.91 -16.10
N TYR D 164 -2.69 -8.87 -16.75
CA TYR D 164 -1.35 -8.37 -16.43
C TYR D 164 -1.29 -7.80 -15.01
N CYS D 165 -2.30 -7.04 -14.59
CA CYS D 165 -2.32 -6.54 -13.23
C CYS D 165 -2.40 -7.67 -12.22
N ALA D 166 -3.21 -8.69 -12.51
CA ALA D 166 -3.30 -9.83 -11.60
C ALA D 166 -1.95 -10.52 -11.50
N ALA D 167 -1.31 -10.78 -12.65
CA ALA D 167 -0.05 -11.51 -12.70
C ALA D 167 1.06 -10.72 -11.99
N LYS D 168 1.13 -9.41 -12.22
CA LYS D 168 2.19 -8.59 -11.60
C LYS D 168 1.97 -8.41 -10.11
N HIS D 169 0.71 -8.22 -9.66
CA HIS D 169 0.41 -8.24 -8.23
C HIS D 169 0.85 -9.57 -7.63
N GLY D 170 0.48 -10.69 -8.28
CA GLY D 170 0.85 -12.02 -7.78
C GLY D 170 2.35 -12.19 -7.67
N LEU D 171 3.10 -11.66 -8.64
CA LEU D 171 4.57 -11.77 -8.63
C LEU D 171 5.16 -11.02 -7.45
N ILE D 172 4.58 -9.87 -7.12
CA ILE D 172 4.99 -9.14 -5.91
C ILE D 172 4.69 -9.96 -4.65
N GLY D 173 3.52 -10.59 -4.59
CA GLY D 173 3.22 -11.42 -3.44
C GLY D 173 4.21 -12.57 -3.31
N PHE D 174 4.55 -13.19 -4.46
CA PHE D 174 5.50 -14.29 -4.46
C PHE D 174 6.86 -13.81 -3.97
N THR D 175 7.27 -12.60 -4.42
CA THR D 175 8.53 -12.01 -4.00
C THR D 175 8.61 -11.93 -2.49
N LYS D 176 7.53 -11.46 -1.87
CA LYS D 176 7.56 -11.31 -0.41
C LYS D 176 7.78 -12.65 0.28
N VAL D 177 7.06 -13.68 -0.18
CA VAL D 177 7.19 -14.98 0.46
C VAL D 177 8.62 -15.52 0.31
N VAL D 178 9.17 -15.45 -0.90
CA VAL D 178 10.52 -15.98 -1.09
C VAL D 178 11.50 -15.26 -0.19
N ALA D 179 11.36 -13.92 -0.10
CA ALA D 179 12.24 -13.14 0.77
C ALA D 179 12.09 -13.56 2.23
N LEU D 180 10.86 -13.84 2.67
CA LEU D 180 10.68 -14.23 4.06
C LEU D 180 11.24 -15.62 4.33
N GLU D 181 11.13 -16.53 3.36
CA GLU D 181 11.65 -17.87 3.57
C GLU D 181 13.17 -17.91 3.53
N THR D 182 13.84 -16.86 3.06
CA THR D 182 15.29 -16.80 2.98
C THR D 182 15.87 -15.66 3.82
N ALA D 183 15.09 -15.07 4.71
CA ALA D 183 15.50 -13.83 5.36
C ALA D 183 16.77 -13.97 6.19
N THR D 184 17.05 -15.14 6.76
CA THR D 184 18.24 -15.31 7.60
C THR D 184 19.45 -15.81 6.81
N THR D 185 19.36 -15.82 5.49
CA THR D 185 20.42 -16.31 4.63
C THR D 185 21.01 -15.13 3.87
N GLY D 186 22.02 -15.44 3.04
CA GLY D 186 22.57 -14.45 2.12
C GLY D 186 21.84 -14.34 0.81
N ILE D 187 20.65 -14.90 0.72
CA ILE D 187 19.78 -14.81 -0.45
C ILE D 187 18.75 -13.73 -0.22
N THR D 188 18.61 -12.80 -1.17
CA THR D 188 17.50 -11.85 -1.12
C THR D 188 16.59 -12.06 -2.32
N CYS D 189 15.34 -11.63 -2.19
CA CYS D 189 14.39 -11.63 -3.28
C CYS D 189 13.64 -10.31 -3.23
N ASN D 190 13.61 -9.61 -4.36
CA ASN D 190 12.97 -8.30 -4.47
C ASN D 190 12.38 -8.16 -5.86
N ALA D 191 11.51 -7.14 -6.03
CA ALA D 191 10.86 -6.85 -7.29
C ALA D 191 11.18 -5.43 -7.74
N ILE D 192 11.34 -5.26 -9.05
CA ILE D 192 11.43 -3.94 -9.67
C ILE D 192 10.09 -3.69 -10.36
N CYS D 193 9.55 -2.49 -10.20
CA CYS D 193 8.23 -2.11 -10.71
C CYS D 193 8.38 -0.95 -11.67
N PRO D 194 8.67 -1.21 -12.94
CA PRO D 194 8.75 -0.13 -13.92
C PRO D 194 7.39 0.45 -14.27
N GLY D 195 7.39 1.76 -14.57
CA GLY D 195 6.26 2.40 -15.24
C GLY D 195 6.30 2.12 -16.74
N TYR D 196 5.88 3.09 -17.54
CA TYR D 196 6.00 2.95 -18.99
C TYR D 196 7.47 3.07 -19.42
N VAL D 197 7.94 2.04 -20.12
CA VAL D 197 9.28 2.02 -20.72
C VAL D 197 9.09 2.00 -22.23
N TYR D 198 9.88 2.80 -22.94
CA TYR D 198 9.77 2.73 -24.40
C TYR D 198 10.43 1.43 -24.86
N THR D 199 9.59 0.49 -25.26
CA THR D 199 9.93 -0.83 -25.77
C THR D 199 8.94 -1.11 -26.88
N PRO D 200 9.23 -2.08 -27.75
CA PRO D 200 8.30 -2.33 -28.88
C PRO D 200 6.88 -2.65 -28.41
N LEU D 201 6.70 -3.31 -27.26
CA LEU D 201 5.36 -3.60 -26.75
C LEU D 201 4.59 -2.32 -26.47
N VAL D 202 5.19 -1.42 -25.69
CA VAL D 202 4.51 -0.17 -25.35
C VAL D 202 4.28 0.64 -26.62
N GLU D 203 5.19 0.57 -27.58
CA GLU D 203 4.99 1.29 -28.82
C GLU D 203 3.80 0.74 -29.58
N GLU D 204 3.58 -0.58 -29.53
CA GLU D 204 2.35 -1.13 -30.12
C GLU D 204 1.12 -0.60 -29.42
N GLN D 205 1.14 -0.53 -28.08
CA GLN D 205 0.00 0.05 -27.38
C GLN D 205 -0.25 1.49 -27.85
N ILE D 206 0.83 2.27 -27.98
CA ILE D 206 0.68 3.66 -28.41
C ILE D 206 0.15 3.73 -29.83
N LYS D 207 0.62 2.85 -30.72
CA LYS D 207 0.13 2.86 -32.09
C LYS D 207 -1.36 2.56 -32.15
N ALA D 208 -1.82 1.61 -31.32
CA ALA D 208 -3.26 1.34 -31.26
C ALA D 208 -4.02 2.58 -30.81
N VAL D 209 -3.52 3.25 -29.77
CA VAL D 209 -4.17 4.49 -29.32
C VAL D 209 -4.17 5.53 -30.43
N ALA D 210 -3.05 5.67 -31.14
CA ALA D 210 -2.94 6.70 -32.17
C ALA D 210 -3.94 6.46 -33.29
N GLU D 211 -4.07 5.20 -33.73
CA GLU D 211 -5.05 4.91 -34.76
C GLU D 211 -6.47 5.16 -34.26
N ALA D 212 -6.75 4.76 -33.02
CA ALA D 212 -8.12 4.85 -32.53
C ALA D 212 -8.55 6.28 -32.27
N LYS D 213 -7.64 7.15 -31.82
CA LYS D 213 -8.04 8.44 -31.28
C LYS D 213 -7.38 9.65 -31.93
N TYR D 214 -6.21 9.50 -32.57
CA TYR D 214 -5.42 10.66 -32.96
C TYR D 214 -5.03 10.64 -34.43
N GLY D 215 -5.77 9.92 -35.25
CA GLY D 215 -5.49 9.90 -36.68
C GLY D 215 -4.16 9.30 -37.03
N GLY D 216 -3.63 8.43 -36.18
CA GLY D 216 -2.34 7.83 -36.42
C GLY D 216 -1.15 8.66 -36.00
N ASP D 217 -1.38 9.81 -35.36
CA ASP D 217 -0.29 10.73 -35.02
C ASP D 217 0.40 10.20 -33.77
N MET D 218 1.61 9.65 -33.94
CA MET D 218 2.26 8.98 -32.83
C MET D 218 2.82 9.96 -31.80
N GLU D 219 3.17 11.19 -32.20
CA GLU D 219 3.64 12.16 -31.22
C GLU D 219 2.52 12.56 -30.27
N ALA D 220 1.37 12.95 -30.84
CA ALA D 220 0.22 13.29 -30.03
C ALA D 220 -0.20 12.12 -29.15
N ALA D 221 -0.21 10.92 -29.74
CA ALA D 221 -0.65 9.74 -29.01
C ALA D 221 0.31 9.41 -27.88
N THR D 222 1.63 9.53 -28.13
CA THR D 222 2.60 9.23 -27.09
C THR D 222 2.41 10.16 -25.89
N GLN D 223 2.21 11.45 -26.15
CA GLN D 223 2.00 12.38 -25.05
C GLN D 223 0.71 12.07 -24.29
N ALA D 224 -0.38 11.78 -25.00
CA ALA D 224 -1.62 11.45 -24.28
C ALA D 224 -1.45 10.17 -23.48
N PHE D 225 -0.71 9.20 -24.02
CA PHE D 225 -0.51 7.90 -23.37
C PHE D 225 0.30 8.08 -22.09
N LEU D 226 1.37 8.88 -22.17
CA LEU D 226 2.20 9.11 -20.99
C LEU D 226 1.47 9.96 -19.95
N CYS D 227 0.85 11.07 -20.39
CA CYS D 227 0.21 11.94 -19.41
C CYS D 227 -0.90 11.26 -18.63
N GLU D 228 -1.51 10.19 -19.17
CA GLU D 228 -2.58 9.52 -18.44
C GLU D 228 -2.08 8.97 -17.12
N LYS D 229 -0.86 8.46 -17.10
CA LYS D 229 -0.39 7.65 -16.00
C LYS D 229 0.91 8.12 -15.36
N GLN D 230 1.77 8.79 -16.12
CA GLN D 230 3.17 8.96 -15.73
C GLN D 230 3.51 10.44 -15.60
N PRO D 231 3.52 10.98 -14.37
CA PRO D 231 3.64 12.45 -14.20
C PRO D 231 4.89 13.05 -14.79
N ALA D 232 5.98 12.28 -14.89
CA ALA D 232 7.20 12.83 -15.48
C ALA D 232 7.02 13.16 -16.96
N LYS D 233 5.96 12.65 -17.60
CA LYS D 233 5.72 12.94 -19.01
C LYS D 233 6.90 12.51 -19.87
N ALA D 234 7.53 11.43 -19.45
CA ALA D 234 8.68 10.84 -20.13
C ALA D 234 8.72 9.37 -19.83
N PHE D 235 9.34 8.61 -20.74
CA PHE D 235 9.53 7.20 -20.53
C PHE D 235 10.64 6.90 -19.51
N VAL D 236 10.45 5.81 -18.78
CA VAL D 236 11.54 5.10 -18.11
C VAL D 236 12.34 4.38 -19.19
N THR D 237 13.66 4.29 -19.00
CA THR D 237 14.49 3.59 -19.97
C THR D 237 14.87 2.20 -19.46
N VAL D 238 15.21 1.32 -20.42
CA VAL D 238 15.62 -0.03 -20.06
C VAL D 238 16.91 0.00 -19.25
N GLU D 239 17.77 0.99 -19.53
CA GLU D 239 19.01 1.17 -18.77
C GLU D 239 18.71 1.50 -17.31
N GLN D 240 17.66 2.30 -17.06
CA GLN D 240 17.28 2.59 -15.68
C GLN D 240 16.79 1.35 -14.96
N VAL D 241 16.00 0.51 -15.64
CA VAL D 241 15.58 -0.73 -15.00
C VAL D 241 16.79 -1.61 -14.69
N GLY D 242 17.75 -1.66 -15.62
CA GLY D 242 18.96 -2.43 -15.39
C GLY D 242 19.79 -1.87 -14.23
N ASP D 243 19.83 -0.55 -14.09
CA ASP D 243 20.53 0.04 -12.94
C ASP D 243 19.89 -0.37 -11.62
N ALA D 244 18.55 -0.45 -11.60
CA ALA D 244 17.88 -0.90 -10.38
C ALA D 244 18.24 -2.35 -10.08
N ALA D 245 18.34 -3.16 -11.14
CA ALA D 245 18.73 -4.56 -10.96
C ALA D 245 20.14 -4.68 -10.39
N VAL D 246 21.08 -3.87 -10.90
CA VAL D 246 22.45 -3.89 -10.40
C VAL D 246 22.48 -3.47 -8.94
N PHE D 247 21.71 -2.45 -8.58
CA PHE D 247 21.63 -2.04 -7.18
C PHE D 247 21.16 -3.18 -6.30
N LEU D 248 20.09 -3.87 -6.71
CA LEU D 248 19.55 -4.97 -5.90
C LEU D 248 20.55 -6.11 -5.79
N ALA D 249 21.37 -6.33 -6.81
CA ALA D 249 22.33 -7.42 -6.77
C ALA D 249 23.62 -7.08 -6.01
N SER D 250 23.84 -5.82 -5.66
CA SER D 250 25.06 -5.34 -5.04
CA SER D 250 25.07 -5.35 -5.04
C SER D 250 25.08 -5.62 -3.54
N PRO D 251 26.25 -5.46 -2.89
CA PRO D 251 26.30 -5.73 -1.44
C PRO D 251 25.61 -4.69 -0.59
N GLY D 252 25.46 -3.46 -1.10
CA GLY D 252 24.69 -2.48 -0.36
C GLY D 252 23.25 -2.93 -0.13
N ALA D 253 22.81 -3.96 -0.86
CA ALA D 253 21.43 -4.41 -0.81
C ALA D 253 21.26 -5.72 -0.05
N ASP D 254 22.24 -6.08 0.78
CA ASP D 254 22.17 -7.33 1.51
C ASP D 254 20.96 -7.40 2.44
N MET D 255 20.45 -6.26 2.91
CA MET D 255 19.30 -6.20 3.80
C MET D 255 18.07 -5.61 3.15
N ILE D 256 18.06 -5.46 1.84
CA ILE D 256 16.86 -5.15 1.08
C ILE D 256 16.21 -6.49 0.76
N ARG D 257 15.03 -6.74 1.35
CA ARG D 257 14.40 -8.05 1.25
C ARG D 257 12.89 -7.92 1.14
N GLY D 258 12.34 -8.49 0.09
CA GLY D 258 10.92 -8.61 -0.02
C GLY D 258 10.25 -7.33 -0.41
N THR D 259 10.97 -6.42 -1.08
CA THR D 259 10.43 -5.10 -1.31
C THR D 259 10.38 -4.81 -2.81
N THR D 260 9.88 -3.63 -3.14
CA THR D 260 9.77 -3.18 -4.50
C THR D 260 10.64 -1.94 -4.69
N ILE D 261 11.34 -1.89 -5.81
CA ILE D 261 12.00 -0.69 -6.29
C ILE D 261 11.17 -0.18 -7.46
N THR D 262 10.42 0.89 -7.26
CA THR D 262 9.52 1.41 -8.29
C THR D 262 10.22 2.50 -9.09
N VAL D 263 10.28 2.32 -10.41
CA VAL D 263 10.98 3.22 -11.34
C VAL D 263 9.91 3.63 -12.33
N ASP D 264 9.18 4.70 -12.03
CA ASP D 264 7.90 4.93 -12.71
C ASP D 264 7.58 6.40 -12.96
N GLY D 265 8.53 7.30 -12.77
CA GLY D 265 8.26 8.70 -13.06
C GLY D 265 7.16 9.32 -12.23
N GLY D 266 6.84 8.76 -11.07
CA GLY D 266 5.79 9.29 -10.23
C GLY D 266 4.42 8.61 -10.30
N TRP D 267 4.26 7.57 -11.12
CA TRP D 267 2.96 6.94 -11.34
C TRP D 267 2.27 6.56 -10.03
N VAL D 268 2.96 5.85 -9.15
CA VAL D 268 2.29 5.33 -7.96
C VAL D 268 2.28 6.36 -6.86
N ALA D 269 3.10 7.39 -6.96
CA ALA D 269 3.07 8.47 -5.98
C ALA D 269 1.76 9.23 -5.97
N GLN D 270 1.06 9.30 -7.11
CA GLN D 270 -0.25 9.97 -7.13
C GLN D 270 -1.38 8.97 -7.20
#